data_8HCH
#
_entry.id   8HCH
#
_cell.length_a   67.632
_cell.length_b   81.149
_cell.length_c   93.653
_cell.angle_alpha   90.000
_cell.angle_beta   103.510
_cell.angle_gamma   90.000
#
_symmetry.space_group_name_H-M   'P 1 21 1'
#
loop_
_entity.id
_entity.type
_entity.pdbx_description
1 polymer 'Three-prime repair exonuclease 1'
2 non-polymer 'MAGNESIUM ION'
3 non-polymer URIDINE
4 water water
#
_entity_poly.entity_id   1
_entity_poly.type   'polypeptide(L)'
_entity_poly.pdbx_seq_one_letter_code
;MGSSHHHHHHSSGLVPRGSHMQTLIFLDLEATGLPSSRPEVTELCLLAVHRRALENTSISQGHPPPVPRPPRVVDKLSLC
IAPGKACSPGASEITGLSKAELEVQGRQRFDDNLAILLRAFLQRQPQPCCLVAHNGDRYDFPLLQTELARLSTPSPLDGT
FCVDSIAALKALEQASSPSGNGSRKSYSLGSIYTRLYWQAPTDSHTAEGDVLTLLSICQWKPQALLQWVDEHARPFSTVK
PMYGTPATTGTT
;
_entity_poly.pdbx_strand_id   A,B,C,D
#
# COMPACT_ATOMS: atom_id res chain seq x y z
N HIS A 20 24.45 18.72 -27.93
CA HIS A 20 24.36 17.55 -28.80
C HIS A 20 23.77 16.36 -28.05
N MET A 21 22.62 15.88 -28.52
CA MET A 21 22.00 14.71 -27.92
C MET A 21 22.88 13.49 -28.12
N GLN A 22 23.10 12.73 -27.03
CA GLN A 22 23.89 11.51 -27.10
C GLN A 22 23.04 10.27 -27.19
N THR A 23 21.82 10.29 -26.66
CA THR A 23 20.89 9.18 -26.77
C THR A 23 19.55 9.67 -27.31
N LEU A 24 19.02 8.96 -28.29
CA LEU A 24 17.63 9.07 -28.69
C LEU A 24 16.88 7.87 -28.15
N ILE A 25 15.81 8.10 -27.42
CA ILE A 25 14.94 7.04 -26.92
C ILE A 25 13.65 7.12 -27.71
N PHE A 26 13.44 6.16 -28.60
CA PHE A 26 12.20 6.08 -29.34
C PHE A 26 11.13 5.49 -28.45
N LEU A 27 9.97 6.11 -28.44
CA LEU A 27 8.95 5.87 -27.45
C LEU A 27 7.60 5.73 -28.14
N ASP A 28 6.83 4.72 -27.73
CA ASP A 28 5.44 4.63 -28.11
C ASP A 28 4.60 4.22 -26.92
N LEU A 29 3.46 4.88 -26.75
CA LEU A 29 2.45 4.53 -25.78
C LEU A 29 1.20 4.04 -26.49
N GLU A 30 0.58 3.01 -25.96
CA GLU A 30 -0.79 2.64 -26.31
C GLU A 30 -1.64 2.80 -25.06
N ALA A 31 -2.94 3.03 -25.26
CA ALA A 31 -3.77 3.49 -24.16
C ALA A 31 -5.22 3.07 -24.39
N THR A 32 -6.08 3.45 -23.43
CA THR A 32 -7.47 3.04 -23.43
C THR A 32 -8.32 3.81 -24.44
N GLY A 33 -7.88 4.96 -24.90
CA GLY A 33 -8.61 5.65 -25.95
C GLY A 33 -8.06 7.03 -26.23
N LEU A 34 -8.89 7.84 -26.89
CA LEU A 34 -8.51 9.16 -27.35
C LEU A 34 -8.42 10.14 -26.19
N PRO A 35 -7.83 11.32 -26.42
CA PRO A 35 -7.60 12.24 -25.28
C PRO A 35 -8.86 12.70 -24.58
N SER A 36 -9.97 12.88 -25.30
CA SER A 36 -11.18 13.35 -24.64
C SER A 36 -11.65 12.37 -23.56
N SER A 37 -11.28 11.10 -23.68
CA SER A 37 -11.72 10.06 -22.75
C SER A 37 -10.86 9.99 -21.49
N ARG A 38 -9.92 10.90 -21.29
CA ARG A 38 -9.00 10.85 -20.15
C ARG A 38 -8.33 9.47 -20.10
N PRO A 39 -7.56 9.12 -21.13
CA PRO A 39 -7.11 7.73 -21.28
C PRO A 39 -6.00 7.37 -20.30
N GLU A 40 -5.75 6.06 -20.19
CA GLU A 40 -4.72 5.51 -19.34
C GLU A 40 -3.84 4.58 -20.14
N VAL A 41 -2.54 4.57 -19.81
CA VAL A 41 -1.57 3.82 -20.59
C VAL A 41 -1.76 2.33 -20.40
N THR A 42 -1.73 1.57 -21.49
CA THR A 42 -1.81 0.12 -21.45
C THR A 42 -0.54 -0.57 -21.92
N GLU A 43 0.33 0.14 -22.64
CA GLU A 43 1.57 -0.45 -23.13
C GLU A 43 2.57 0.67 -23.38
N LEU A 44 3.83 0.38 -23.09
CA LEU A 44 4.90 1.34 -23.23
C LEU A 44 6.11 0.62 -23.79
N CYS A 45 6.74 1.21 -24.79
CA CYS A 45 8.00 0.68 -25.30
C CYS A 45 8.99 1.81 -25.45
N LEU A 46 10.21 1.56 -24.98
CA LEU A 46 11.33 2.49 -25.10
C LEU A 46 12.44 1.76 -25.83
N LEU A 47 13.01 2.42 -26.85
CA LEU A 47 14.14 1.88 -27.59
C LEU A 47 15.23 2.95 -27.58
N ALA A 48 16.29 2.70 -26.80
CA ALA A 48 17.37 3.67 -26.64
C ALA A 48 18.50 3.36 -27.62
N VAL A 49 18.87 4.36 -28.41
CA VAL A 49 19.89 4.22 -29.45
C VAL A 49 20.89 5.35 -29.28
N HIS A 50 22.18 5.01 -29.24
CA HIS A 50 23.21 6.03 -29.15
C HIS A 50 23.33 6.79 -30.46
N ARG A 51 23.71 8.07 -30.35
CA ARG A 51 23.94 8.91 -31.52
C ARG A 51 24.80 8.20 -32.56
N ARG A 52 25.90 7.59 -32.12
CA ARG A 52 26.79 6.91 -33.07
C ARG A 52 26.06 5.83 -33.85
N ALA A 53 25.28 5.01 -33.14
CA ALA A 53 24.61 3.89 -33.81
C ALA A 53 23.65 4.39 -34.88
N LEU A 54 23.00 5.52 -34.64
CA LEU A 54 22.07 6.06 -35.63
C LEU A 54 22.82 6.68 -36.80
N GLU A 55 23.84 7.49 -36.53
CA GLU A 55 24.56 8.15 -37.61
C GLU A 55 25.47 7.19 -38.37
N ASN A 56 25.67 5.98 -37.87
CA ASN A 56 26.33 4.93 -38.64
C ASN A 56 25.36 4.14 -39.49
N THR A 57 24.08 4.53 -39.51
CA THR A 57 23.12 3.92 -40.41
C THR A 57 23.40 4.39 -41.83
N SER A 58 23.51 3.43 -42.75
CA SER A 58 23.84 3.77 -44.13
C SER A 58 22.81 4.73 -44.71
N ILE A 59 23.28 5.68 -45.52
CA ILE A 59 22.38 6.65 -46.13
C ILE A 59 21.39 5.93 -47.05
N SER A 60 20.23 6.59 -47.28
CA SER A 60 19.09 5.97 -47.97
C SER A 60 19.13 6.28 -49.46
N GLN A 61 19.46 5.26 -50.26
CA GLN A 61 19.62 5.43 -51.71
C GLN A 61 18.61 4.55 -52.43
N GLY A 62 18.16 5.02 -53.60
CA GLY A 62 17.17 4.34 -54.38
C GLY A 62 15.77 4.92 -54.18
N HIS A 63 14.86 4.52 -55.07
CA HIS A 63 13.48 4.98 -55.01
C HIS A 63 12.57 3.79 -55.29
N PRO A 64 12.14 3.08 -54.23
CA PRO A 64 12.40 3.39 -52.82
C PRO A 64 13.69 2.79 -52.28
N PRO A 65 14.24 3.36 -51.21
CA PRO A 65 15.33 2.71 -50.50
C PRO A 65 14.82 1.48 -49.76
N PRO A 66 15.70 0.53 -49.43
CA PRO A 66 15.27 -0.57 -48.58
C PRO A 66 15.02 -0.08 -47.16
N VAL A 67 14.24 -0.84 -46.41
CA VAL A 67 13.97 -0.50 -45.01
C VAL A 67 15.27 -0.62 -44.24
N PRO A 68 15.76 0.45 -43.61
CA PRO A 68 17.05 0.36 -42.91
C PRO A 68 17.06 -0.73 -41.85
N ARG A 69 18.25 -1.28 -41.61
CA ARG A 69 18.44 -2.28 -40.57
C ARG A 69 18.65 -1.60 -39.22
N PRO A 70 18.04 -2.11 -38.14
CA PRO A 70 18.23 -1.47 -36.84
C PRO A 70 19.67 -1.61 -36.38
N PRO A 71 20.15 -0.69 -35.55
CA PRO A 71 21.53 -0.81 -35.05
C PRO A 71 21.69 -2.06 -34.19
N ARG A 72 22.90 -2.63 -34.24
CA ARG A 72 23.21 -3.80 -33.41
C ARG A 72 23.02 -3.48 -31.93
N VAL A 73 23.51 -2.33 -31.49
CA VAL A 73 23.57 -1.98 -30.08
C VAL A 73 22.36 -1.11 -29.76
N VAL A 74 21.41 -1.67 -29.02
CA VAL A 74 20.23 -0.94 -28.58
C VAL A 74 19.86 -1.42 -27.19
N ASP A 75 19.16 -0.55 -26.45
CA ASP A 75 18.52 -0.92 -25.20
C ASP A 75 17.01 -0.83 -25.42
N LYS A 76 16.30 -1.87 -24.98
CA LYS A 76 14.87 -1.98 -25.24
C LYS A 76 14.13 -2.34 -23.96
N LEU A 77 13.01 -1.66 -23.74
CA LEU A 77 12.12 -1.94 -22.61
C LEU A 77 10.70 -1.88 -23.14
N SER A 78 9.95 -2.97 -23.00
CA SER A 78 8.59 -3.05 -23.49
C SER A 78 7.73 -3.65 -22.38
N LEU A 79 6.69 -2.92 -21.97
CA LEU A 79 5.89 -3.31 -20.82
C LEU A 79 4.42 -3.16 -21.12
N CYS A 80 3.65 -4.15 -20.69
CA CYS A 80 2.19 -4.06 -20.66
C CYS A 80 1.74 -3.62 -19.28
N ILE A 81 0.71 -2.77 -19.25
CA ILE A 81 0.33 -2.05 -18.04
C ILE A 81 -1.18 -2.15 -17.89
N ALA A 82 -1.64 -2.57 -16.71
CA ALA A 82 -3.07 -2.65 -16.44
C ALA A 82 -3.62 -1.25 -16.20
N PRO A 83 -4.61 -0.81 -16.97
CA PRO A 83 -5.26 0.47 -16.67
C PRO A 83 -6.31 0.32 -15.59
N GLY A 84 -6.72 1.46 -15.03
CA GLY A 84 -7.78 1.51 -14.06
C GLY A 84 -9.17 1.65 -14.65
N LYS A 85 -9.26 1.75 -15.97
CA LYS A 85 -10.53 1.86 -16.67
C LYS A 85 -10.44 1.02 -17.94
N ALA A 86 -11.59 0.63 -18.47
CA ALA A 86 -11.61 -0.24 -19.64
C ALA A 86 -11.10 0.49 -20.88
N CYS A 87 -10.52 -0.28 -21.80
CA CYS A 87 -10.23 0.24 -23.12
C CYS A 87 -11.53 0.44 -23.89
N SER A 88 -11.61 1.54 -24.64
CA SER A 88 -12.71 1.68 -25.58
C SER A 88 -12.68 0.50 -26.55
N PRO A 89 -13.84 0.08 -27.07
CA PRO A 89 -13.83 -0.99 -28.08
C PRO A 89 -12.90 -0.68 -29.25
N GLY A 90 -12.85 0.58 -29.70
CA GLY A 90 -11.98 0.91 -30.81
C GLY A 90 -10.51 0.78 -30.45
N ALA A 91 -10.12 1.31 -29.28
CA ALA A 91 -8.74 1.17 -28.84
C ALA A 91 -8.36 -0.29 -28.70
N SER A 92 -9.24 -1.11 -28.15
CA SER A 92 -8.96 -2.54 -28.01
C SER A 92 -8.84 -3.22 -29.37
N GLU A 93 -9.61 -2.76 -30.36
CA GLU A 93 -9.53 -3.36 -31.68
C GLU A 93 -8.17 -3.09 -32.33
N ILE A 94 -7.64 -1.89 -32.20
CA ILE A 94 -6.42 -1.56 -32.92
C ILE A 94 -5.18 -2.03 -32.17
N THR A 95 -5.19 -2.01 -30.83
CA THR A 95 -4.01 -2.38 -30.06
C THR A 95 -3.98 -3.86 -29.70
N GLY A 96 -5.10 -4.55 -29.79
CA GLY A 96 -5.16 -5.94 -29.38
C GLY A 96 -5.10 -6.15 -27.89
N LEU A 97 -5.28 -5.10 -27.09
CA LEU A 97 -5.19 -5.17 -25.64
C LEU A 97 -6.53 -4.81 -25.03
N SER A 98 -6.75 -5.36 -23.82
CA SER A 98 -7.96 -5.09 -23.06
C SER A 98 -7.63 -5.16 -21.58
N LYS A 99 -8.33 -4.33 -20.81
CA LYS A 99 -8.10 -4.29 -19.36
C LYS A 99 -8.24 -5.67 -18.74
N ALA A 100 -9.23 -6.44 -19.20
CA ALA A 100 -9.52 -7.73 -18.60
C ALA A 100 -8.39 -8.72 -18.83
N GLU A 101 -7.95 -8.84 -20.09
CA GLU A 101 -6.85 -9.77 -20.38
C GLU A 101 -5.56 -9.33 -19.69
N LEU A 102 -5.28 -8.03 -19.69
CA LEU A 102 -4.10 -7.55 -18.98
C LEU A 102 -4.15 -7.93 -17.50
N GLU A 103 -5.33 -7.86 -16.88
CA GLU A 103 -5.43 -8.15 -15.45
C GLU A 103 -5.24 -9.63 -15.17
N VAL A 104 -5.82 -10.50 -16.01
CA VAL A 104 -5.71 -11.93 -15.76
C VAL A 104 -4.29 -12.43 -15.98
N GLN A 105 -3.48 -11.72 -16.77
CA GLN A 105 -2.07 -12.05 -16.96
C GLN A 105 -1.16 -11.33 -15.97
N GLY A 106 -1.73 -10.79 -14.89
CA GLY A 106 -0.94 -10.27 -13.80
C GLY A 106 -0.30 -8.92 -14.03
N ARG A 107 -0.71 -8.19 -15.06
CA ARG A 107 -0.08 -6.90 -15.33
C ARG A 107 -0.40 -5.91 -14.23
N GLN A 108 0.60 -5.14 -13.83
CA GLN A 108 0.45 -4.17 -12.75
C GLN A 108 0.17 -2.78 -13.31
N ARG A 109 -0.26 -1.91 -12.39
CA ARG A 109 -0.65 -0.56 -12.73
C ARG A 109 0.58 0.32 -12.98
N PHE A 110 0.33 1.50 -13.52
CA PHE A 110 1.34 2.54 -13.63
C PHE A 110 1.66 3.08 -12.25
N ASP A 111 2.61 2.47 -11.56
CA ASP A 111 2.83 2.71 -10.13
C ASP A 111 4.29 3.09 -9.88
N ASP A 112 4.61 3.29 -8.60
CA ASP A 112 5.93 3.78 -8.22
C ASP A 112 7.02 2.82 -8.67
N ASN A 113 6.77 1.52 -8.62
CA ASN A 113 7.77 0.55 -9.05
C ASN A 113 8.06 0.72 -10.55
N LEU A 114 7.03 1.04 -11.34
CA LEU A 114 7.26 1.30 -12.76
C LEU A 114 8.15 2.52 -12.95
N ALA A 115 7.95 3.56 -12.13
CA ALA A 115 8.79 4.75 -12.21
C ALA A 115 10.23 4.43 -11.83
N ILE A 116 10.43 3.53 -10.87
CA ILE A 116 11.79 3.13 -10.49
C ILE A 116 12.46 2.38 -11.63
N LEU A 117 11.71 1.48 -12.26
CA LEU A 117 12.20 0.76 -13.43
C LEU A 117 12.59 1.72 -14.54
N LEU A 118 11.71 2.66 -14.88
CA LEU A 118 12.02 3.64 -15.92
C LEU A 118 13.27 4.44 -15.57
N ARG A 119 13.36 4.91 -14.32
CA ARG A 119 14.52 5.69 -13.91
C ARG A 119 15.80 4.89 -14.10
N ALA A 120 15.78 3.63 -13.67
CA ALA A 120 16.97 2.78 -13.80
C ALA A 120 17.31 2.54 -15.27
N PHE A 121 16.30 2.39 -16.12
CA PHE A 121 16.56 2.23 -17.56
C PHE A 121 17.18 3.48 -18.14
N LEU A 122 16.60 4.65 -17.84
CA LEU A 122 17.16 5.90 -18.32
C LEU A 122 18.54 6.16 -17.73
N GLN A 123 18.79 5.68 -16.51
CA GLN A 123 20.09 5.86 -15.88
C GLN A 123 21.20 5.19 -16.69
N ARG A 124 20.86 4.16 -17.46
CA ARG A 124 21.87 3.46 -18.23
C ARG A 124 22.20 4.14 -19.55
N GLN A 125 21.56 5.27 -19.86
CA GLN A 125 21.78 5.93 -21.13
C GLN A 125 22.65 7.17 -20.96
N PRO A 126 23.60 7.42 -21.86
CA PRO A 126 24.40 8.66 -21.77
C PRO A 126 23.56 9.89 -22.06
N GLN A 127 23.85 10.97 -21.33
CA GLN A 127 23.16 12.25 -21.43
C GLN A 127 23.92 13.20 -22.34
N PRO A 128 23.23 14.17 -22.95
CA PRO A 128 21.78 14.41 -22.83
C PRO A 128 20.98 13.45 -23.68
N CYS A 129 19.76 13.16 -23.22
CA CYS A 129 18.91 12.13 -23.78
C CYS A 129 17.59 12.75 -24.21
N CYS A 130 17.08 12.30 -25.37
CA CYS A 130 15.89 12.91 -25.96
C CYS A 130 14.90 11.82 -26.36
N LEU A 131 13.70 11.91 -25.81
CA LEU A 131 12.61 11.03 -26.24
C LEU A 131 12.09 11.46 -27.60
N VAL A 132 11.82 10.47 -28.45
CA VAL A 132 11.25 10.70 -29.78
C VAL A 132 9.96 9.91 -29.86
N ALA A 133 8.85 10.59 -30.14
CA ALA A 133 7.57 9.92 -30.23
C ALA A 133 6.72 10.57 -31.32
N HIS A 134 6.03 9.73 -32.09
CA HIS A 134 5.17 10.21 -33.15
C HIS A 134 3.86 10.71 -32.56
N ASN A 135 3.52 11.97 -32.83
CA ASN A 135 2.41 12.66 -32.19
C ASN A 135 2.68 12.83 -30.69
N GLY A 136 3.95 12.84 -30.31
CA GLY A 136 4.29 12.95 -28.90
C GLY A 136 3.81 14.26 -28.27
N ASP A 137 3.91 15.36 -29.01
CA ASP A 137 3.59 16.66 -28.41
C ASP A 137 2.12 16.74 -28.01
N ARG A 138 1.23 16.04 -28.72
CA ARG A 138 -0.19 16.12 -28.47
C ARG A 138 -0.78 14.87 -27.85
N TYR A 139 0.00 13.80 -27.67
CA TYR A 139 -0.54 12.60 -27.05
C TYR A 139 0.46 11.94 -26.09
N ASP A 140 1.52 11.33 -26.62
CA ASP A 140 2.37 10.50 -25.78
C ASP A 140 2.99 11.30 -24.63
N PHE A 141 3.55 12.47 -24.92
CA PHE A 141 4.25 13.21 -23.88
C PHE A 141 3.28 13.77 -22.85
N PRO A 142 2.20 14.45 -23.22
CA PRO A 142 1.25 14.90 -22.19
C PRO A 142 0.67 13.75 -21.38
N LEU A 143 0.35 12.63 -22.03
CA LEU A 143 -0.21 11.49 -21.29
C LEU A 143 0.83 10.89 -20.34
N LEU A 144 2.08 10.78 -20.78
CA LEU A 144 3.12 10.30 -19.87
C LEU A 144 3.28 11.22 -18.67
N GLN A 145 3.18 12.54 -18.89
CA GLN A 145 3.28 13.47 -17.78
C GLN A 145 2.14 13.27 -16.80
N THR A 146 0.93 13.07 -17.31
CA THR A 146 -0.22 12.80 -16.43
C THR A 146 0.00 11.55 -15.60
N GLU A 147 0.42 10.45 -16.25
CA GLU A 147 0.63 9.20 -15.52
C GLU A 147 1.68 9.37 -14.43
N LEU A 148 2.77 10.09 -14.75
CA LEU A 148 3.84 10.28 -13.77
C LEU A 148 3.43 11.23 -12.66
N ALA A 149 2.60 12.22 -12.97
CA ALA A 149 2.18 13.17 -11.94
C ALA A 149 1.35 12.50 -10.86
N ARG A 150 0.64 11.42 -11.19
CA ARG A 150 -0.17 10.72 -10.20
C ARG A 150 0.66 10.05 -9.12
N LEU A 151 1.93 9.77 -9.40
CA LEU A 151 2.83 9.21 -8.42
C LEU A 151 3.47 10.32 -7.59
N SER A 152 3.78 10.01 -6.34
CA SER A 152 4.53 10.92 -5.50
C SER A 152 6.03 10.79 -5.72
N THR A 153 6.48 9.71 -6.36
CA THR A 153 7.85 9.64 -6.83
C THR A 153 8.11 10.84 -7.74
N PRO A 154 9.15 11.63 -7.49
CA PRO A 154 9.49 12.70 -8.45
C PRO A 154 9.68 12.12 -9.85
N SER A 155 9.31 12.90 -10.85
CA SER A 155 9.28 12.39 -12.21
C SER A 155 10.68 11.95 -12.64
N PRO A 156 10.84 10.71 -13.15
CA PRO A 156 12.17 10.27 -13.61
C PRO A 156 12.60 10.88 -14.94
N LEU A 157 11.76 11.67 -15.60
CA LEU A 157 12.09 12.26 -16.89
C LEU A 157 12.48 13.74 -16.78
N ASP A 158 12.75 14.23 -15.57
CA ASP A 158 12.95 15.67 -15.39
C ASP A 158 14.22 16.19 -16.03
N GLY A 159 15.19 15.32 -16.33
CA GLY A 159 16.38 15.72 -17.03
C GLY A 159 16.39 15.36 -18.50
N THR A 160 15.31 14.78 -19.00
CA THR A 160 15.23 14.26 -20.36
C THR A 160 14.58 15.27 -21.29
N PHE A 161 15.05 15.28 -22.53
CA PHE A 161 14.45 16.10 -23.57
C PHE A 161 13.44 15.28 -24.37
N CYS A 162 12.70 15.95 -25.25
CA CYS A 162 11.71 15.27 -26.08
C CYS A 162 11.47 16.05 -27.36
N VAL A 163 11.16 15.30 -28.43
CA VAL A 163 10.79 15.86 -29.71
C VAL A 163 9.66 15.03 -30.32
N ASP A 164 8.84 15.68 -31.16
CA ASP A 164 7.79 15.00 -31.90
C ASP A 164 8.30 14.67 -33.31
N SER A 165 8.26 13.40 -33.68
CA SER A 165 8.80 13.00 -34.97
C SER A 165 7.97 13.53 -36.13
N ILE A 166 6.68 13.82 -35.91
CA ILE A 166 5.87 14.42 -36.97
C ILE A 166 6.53 15.70 -37.46
N ALA A 167 6.78 16.62 -36.52
CA ALA A 167 7.41 17.90 -36.88
C ALA A 167 8.76 17.65 -37.54
N ALA A 168 9.54 16.73 -37.00
CA ALA A 168 10.83 16.39 -37.61
C ALA A 168 10.65 15.97 -39.06
N LEU A 169 9.72 15.05 -39.32
CA LEU A 169 9.58 14.52 -40.67
C LEU A 169 8.98 15.54 -41.63
N LYS A 170 8.08 16.39 -41.14
CA LYS A 170 7.60 17.51 -41.96
C LYS A 170 8.78 18.34 -42.46
N ALA A 171 9.70 18.67 -41.56
CA ALA A 171 10.86 19.48 -41.94
C ALA A 171 11.82 18.69 -42.83
N LEU A 172 12.01 17.41 -42.55
CA LEU A 172 12.94 16.62 -43.34
C LEU A 172 12.45 16.44 -44.77
N GLU A 173 11.14 16.25 -44.96
CA GLU A 173 10.62 16.09 -46.31
C GLU A 173 10.59 17.42 -47.05
N GLN A 174 10.24 18.51 -46.35
CA GLN A 174 10.31 19.83 -46.96
C GLN A 174 11.73 20.13 -47.44
N ALA A 175 12.73 19.73 -46.64
CA ALA A 175 14.11 19.97 -47.04
C ALA A 175 14.50 19.19 -48.28
N SER A 176 13.82 18.08 -48.58
CA SER A 176 14.09 17.29 -49.77
C SER A 176 13.17 17.73 -50.90
N ARG A 184 -2.98 17.37 -48.11
CA ARG A 184 -2.45 16.42 -49.09
C ARG A 184 -1.62 15.34 -48.40
N LYS A 185 -0.36 15.65 -48.11
CA LYS A 185 0.54 14.70 -47.48
C LYS A 185 0.06 14.40 -46.06
N SER A 186 -0.21 13.12 -45.78
CA SER A 186 -0.49 12.70 -44.42
C SER A 186 0.81 12.43 -43.70
N TYR A 187 0.84 12.74 -42.41
CA TYR A 187 2.02 12.51 -41.58
C TYR A 187 1.73 11.52 -40.47
N SER A 188 0.74 10.67 -40.66
CA SER A 188 0.57 9.51 -39.79
C SER A 188 1.75 8.58 -39.93
N LEU A 189 1.96 7.77 -38.90
CA LEU A 189 3.11 6.86 -38.89
C LEU A 189 3.17 6.01 -40.15
N GLY A 190 2.05 5.36 -40.49
CA GLY A 190 2.03 4.46 -41.63
C GLY A 190 2.13 5.18 -42.96
N SER A 191 1.54 6.37 -43.08
CA SER A 191 1.64 7.12 -44.33
C SER A 191 3.09 7.46 -44.63
N ILE A 192 3.81 7.97 -43.62
CA ILE A 192 5.22 8.29 -43.81
C ILE A 192 6.00 7.04 -44.22
N TYR A 193 5.87 5.97 -43.43
CA TYR A 193 6.59 4.74 -43.72
C TYR A 193 6.28 4.23 -45.12
N THR A 194 5.01 4.27 -45.52
CA THR A 194 4.64 3.81 -46.86
C THR A 194 5.24 4.72 -47.92
N ARG A 195 5.25 6.03 -47.68
CA ARG A 195 5.80 6.96 -48.66
C ARG A 195 7.30 6.79 -48.81
N LEU A 196 8.00 6.47 -47.73
CA LEU A 196 9.45 6.35 -47.79
C LEU A 196 9.88 5.01 -48.37
N TYR A 197 9.18 3.93 -48.02
CA TYR A 197 9.66 2.58 -48.32
C TYR A 197 8.70 1.78 -49.21
N TRP A 198 7.56 2.33 -49.58
CA TRP A 198 6.63 1.68 -50.50
C TRP A 198 6.18 0.31 -49.99
N GLN A 199 6.01 0.18 -48.68
CA GLN A 199 5.39 -1.00 -48.12
C GLN A 199 4.69 -0.63 -46.83
N ALA A 200 3.78 -1.48 -46.41
CA ALA A 200 3.00 -1.23 -45.21
C ALA A 200 3.82 -1.64 -43.97
N PRO A 201 3.72 -0.88 -42.89
CA PRO A 201 4.41 -1.28 -41.65
C PRO A 201 3.88 -2.62 -41.15
N THR A 202 4.55 -3.13 -40.13
CA THR A 202 4.11 -4.35 -39.45
C THR A 202 3.81 -4.04 -37.99
N ASP A 203 2.80 -4.74 -37.45
CA ASP A 203 2.45 -4.67 -36.03
C ASP A 203 2.05 -3.24 -35.63
N SER A 204 1.05 -2.72 -36.34
CA SER A 204 0.55 -1.38 -36.05
C SER A 204 -0.16 -1.34 -34.71
N HIS A 205 0.03 -0.24 -33.99
CA HIS A 205 -0.60 0.04 -32.70
C HIS A 205 -0.21 -0.97 -31.62
N THR A 206 0.90 -1.66 -31.80
CA THR A 206 1.60 -2.33 -30.70
C THR A 206 2.81 -1.47 -30.34
N ALA A 207 3.06 -1.32 -29.04
CA ALA A 207 4.07 -0.35 -28.61
C ALA A 207 5.40 -0.64 -29.28
N GLU A 208 5.83 -1.90 -29.28
CA GLU A 208 7.14 -2.22 -29.85
C GLU A 208 7.12 -2.17 -31.37
N GLY A 209 6.02 -2.62 -31.99
CA GLY A 209 5.91 -2.50 -33.44
C GLY A 209 5.98 -1.06 -33.91
N ASP A 210 5.28 -0.17 -33.22
CA ASP A 210 5.28 1.23 -33.64
C ASP A 210 6.63 1.89 -33.39
N VAL A 211 7.34 1.46 -32.34
CA VAL A 211 8.66 2.04 -32.06
C VAL A 211 9.66 1.60 -33.13
N LEU A 212 9.53 0.37 -33.61
CA LEU A 212 10.43 -0.11 -34.66
C LEU A 212 10.14 0.57 -35.98
N THR A 213 8.85 0.80 -36.28
CA THR A 213 8.48 1.57 -37.46
C THR A 213 9.05 2.98 -37.39
N LEU A 214 8.94 3.63 -36.24
CA LEU A 214 9.45 4.99 -36.11
C LEU A 214 10.96 5.04 -36.27
N LEU A 215 11.66 4.08 -35.68
CA LEU A 215 13.11 4.01 -35.86
C LEU A 215 13.48 3.90 -37.34
N SER A 216 12.77 3.05 -38.08
CA SER A 216 13.01 2.94 -39.51
C SER A 216 12.82 4.27 -40.20
N ILE A 217 11.77 5.00 -39.82
CA ILE A 217 11.50 6.31 -40.40
C ILE A 217 12.64 7.26 -40.07
N CYS A 218 13.11 7.23 -38.82
CA CYS A 218 14.15 8.16 -38.40
C CYS A 218 15.53 7.77 -38.94
N GLN A 219 15.70 6.52 -39.37
CA GLN A 219 16.94 6.12 -40.04
C GLN A 219 16.95 6.52 -41.51
N TRP A 220 15.89 7.17 -41.99
CA TRP A 220 15.83 7.56 -43.40
C TRP A 220 16.95 8.56 -43.74
N LYS A 221 17.10 9.59 -42.92
CA LYS A 221 18.19 10.55 -43.06
C LYS A 221 18.70 10.86 -41.66
N PRO A 222 19.52 9.96 -41.10
CA PRO A 222 19.81 10.06 -39.66
C PRO A 222 20.60 11.28 -39.27
N GLN A 223 21.54 11.74 -40.12
CA GLN A 223 22.31 12.93 -39.77
C GLN A 223 21.43 14.17 -39.80
N ALA A 224 20.58 14.31 -40.83
CA ALA A 224 19.65 15.44 -40.86
C ALA A 224 18.71 15.42 -39.67
N LEU A 225 18.23 14.22 -39.29
CA LEU A 225 17.34 14.13 -38.14
C LEU A 225 18.05 14.54 -36.86
N LEU A 226 19.28 14.04 -36.66
CA LEU A 226 20.01 14.38 -35.44
C LEU A 226 20.19 15.88 -35.31
N GLN A 227 20.51 16.56 -36.42
CA GLN A 227 20.63 18.01 -36.39
C GLN A 227 19.29 18.64 -36.00
N TRP A 228 18.20 18.19 -36.63
CA TRP A 228 16.90 18.78 -36.32
C TRP A 228 16.54 18.55 -34.86
N VAL A 229 16.86 17.38 -34.31
CA VAL A 229 16.55 17.11 -32.91
C VAL A 229 17.38 18.02 -32.01
N ASP A 230 18.68 18.18 -32.34
CA ASP A 230 19.55 19.02 -31.54
C ASP A 230 19.00 20.44 -31.43
N GLU A 231 18.33 20.92 -32.48
CA GLU A 231 17.87 22.30 -32.53
C GLU A 231 16.46 22.50 -31.99
N HIS A 232 15.66 21.43 -31.91
CA HIS A 232 14.26 21.55 -31.50
C HIS A 232 13.91 20.76 -30.25
N ALA A 233 14.84 19.96 -29.73
CA ALA A 233 14.58 19.24 -28.50
C ALA A 233 14.17 20.22 -27.40
N ARG A 234 13.17 19.85 -26.62
CA ARG A 234 12.74 20.65 -25.49
C ARG A 234 12.65 19.78 -24.26
N PRO A 235 12.92 20.35 -23.07
CA PRO A 235 12.89 19.54 -21.86
C PRO A 235 11.50 18.96 -21.61
N PHE A 236 11.48 17.68 -21.21
CA PHE A 236 10.21 17.01 -20.93
C PHE A 236 9.49 17.68 -19.77
N SER A 237 10.23 18.31 -18.86
CA SER A 237 9.63 19.02 -17.74
C SER A 237 8.81 20.22 -18.18
N THR A 238 8.94 20.67 -19.42
CA THR A 238 8.11 21.73 -19.96
C THR A 238 6.80 21.23 -20.54
N VAL A 239 6.61 19.92 -20.63
CA VAL A 239 5.41 19.36 -21.25
C VAL A 239 4.26 19.42 -20.26
N LYS A 240 3.14 19.98 -20.71
CA LYS A 240 1.97 20.06 -19.84
C LYS A 240 1.20 18.74 -19.84
N PRO A 241 0.68 18.31 -18.68
CA PRO A 241 -0.06 17.05 -18.66
C PRO A 241 -1.29 17.11 -19.56
N MET A 242 -1.68 15.93 -20.08
CA MET A 242 -2.84 15.88 -20.95
C MET A 242 -4.10 16.30 -20.22
N TYR A 243 -4.22 15.89 -18.95
CA TYR A 243 -5.38 16.24 -18.14
C TYR A 243 -4.97 16.18 -16.68
N GLY A 244 -5.83 16.72 -15.82
CA GLY A 244 -5.57 16.77 -14.40
C GLY A 244 -6.09 15.56 -13.65
N HIS B 20 2.31 -24.67 -11.83
CA HIS B 20 2.51 -23.87 -10.63
C HIS B 20 3.21 -22.55 -10.96
N MET B 21 4.17 -22.57 -11.87
CA MET B 21 4.90 -21.36 -12.22
C MET B 21 3.97 -20.41 -12.97
N GLN B 22 3.83 -19.18 -12.47
CA GLN B 22 2.93 -18.20 -13.06
C GLN B 22 3.59 -17.36 -14.15
N THR B 23 4.91 -17.24 -14.15
CA THR B 23 5.62 -16.46 -15.16
C THR B 23 6.85 -17.23 -15.61
N LEU B 24 7.01 -17.36 -16.93
CA LEU B 24 8.21 -17.90 -17.54
C LEU B 24 8.98 -16.73 -18.14
N ILE B 25 10.24 -16.57 -17.73
CA ILE B 25 11.08 -15.49 -18.24
C ILE B 25 12.16 -16.14 -19.07
N PHE B 26 11.99 -16.09 -20.39
CA PHE B 26 13.02 -16.55 -21.31
C PHE B 26 14.19 -15.59 -21.27
N LEU B 27 15.39 -16.15 -21.23
CA LEU B 27 16.60 -15.39 -20.93
C LEU B 27 17.71 -15.82 -21.86
N ASP B 28 18.49 -14.85 -22.32
CA ASP B 28 19.73 -15.15 -23.01
C ASP B 28 20.78 -14.14 -22.60
N LEU B 29 22.01 -14.64 -22.51
CA LEU B 29 23.18 -13.84 -22.19
C LEU B 29 24.19 -14.04 -23.31
N GLU B 30 24.83 -12.96 -23.73
CA GLU B 30 26.01 -13.02 -24.56
C GLU B 30 27.15 -12.39 -23.76
N ALA B 31 28.37 -12.77 -24.10
CA ALA B 31 29.49 -12.48 -23.22
C ALA B 31 30.79 -12.48 -24.00
N THR B 32 31.88 -12.25 -23.28
CA THR B 32 33.19 -12.08 -23.88
C THR B 32 33.85 -13.40 -24.28
N GLY B 33 33.33 -14.53 -23.83
CA GLY B 33 33.86 -15.80 -24.30
C GLY B 33 33.37 -16.96 -23.48
N LEU B 34 34.05 -18.09 -23.66
CA LEU B 34 33.65 -19.36 -23.08
C LEU B 34 34.05 -19.43 -21.62
N PRO B 35 33.50 -20.39 -20.87
CA PRO B 35 33.69 -20.37 -19.42
C PRO B 35 35.14 -20.41 -18.97
N SER B 36 36.02 -21.07 -19.72
CA SER B 36 37.43 -21.16 -19.32
C SER B 36 38.11 -19.80 -19.36
N SER B 37 37.54 -18.82 -20.06
CA SER B 37 38.11 -17.48 -20.13
C SER B 37 37.64 -16.58 -18.99
N ARG B 38 36.87 -17.10 -18.04
CA ARG B 38 36.25 -16.30 -16.99
C ARG B 38 35.54 -15.11 -17.64
N PRO B 39 34.46 -15.34 -18.38
CA PRO B 39 33.87 -14.28 -19.21
C PRO B 39 32.97 -13.33 -18.42
N GLU B 40 32.70 -12.19 -19.06
CA GLU B 40 31.82 -11.17 -18.53
C GLU B 40 30.67 -10.93 -19.50
N VAL B 41 29.50 -10.59 -18.96
CA VAL B 41 28.31 -10.40 -19.78
C VAL B 41 28.45 -9.14 -20.61
N THR B 42 28.05 -9.23 -21.89
CA THR B 42 28.00 -8.09 -22.79
C THR B 42 26.59 -7.74 -23.24
N GLU B 43 25.65 -8.66 -23.15
CA GLU B 43 24.27 -8.38 -23.55
C GLU B 43 23.35 -9.33 -22.81
N LEU B 44 22.17 -8.84 -22.46
CA LEU B 44 21.21 -9.60 -21.66
C LEU B 44 19.81 -9.29 -22.18
N CYS B 45 18.99 -10.33 -22.33
CA CYS B 45 17.60 -10.15 -22.71
C CYS B 45 16.71 -11.04 -21.86
N LEU B 46 15.66 -10.44 -21.30
CA LEU B 46 14.60 -11.14 -20.59
C LEU B 46 13.30 -10.95 -21.36
N LEU B 47 12.55 -12.03 -21.57
CA LEU B 47 11.22 -11.97 -22.17
C LEU B 47 10.25 -12.67 -21.22
N ALA B 48 9.41 -11.89 -20.54
CA ALA B 48 8.52 -12.42 -19.51
C ALA B 48 7.16 -12.73 -20.11
N VAL B 49 6.71 -13.96 -19.94
CA VAL B 49 5.46 -14.45 -20.52
C VAL B 49 4.65 -15.10 -19.39
N HIS B 50 3.42 -14.62 -19.19
CA HIS B 50 2.53 -15.27 -18.25
C HIS B 50 2.16 -16.66 -18.76
N ARG B 51 1.99 -17.60 -17.82
CA ARG B 51 1.68 -18.97 -18.23
C ARG B 51 0.42 -19.03 -19.08
N ARG B 52 -0.53 -18.11 -18.84
CA ARG B 52 -1.75 -18.09 -19.64
C ARG B 52 -1.46 -17.69 -21.08
N ALA B 53 -0.59 -16.69 -21.27
CA ALA B 53 -0.22 -16.30 -22.63
C ALA B 53 0.39 -17.47 -23.39
N LEU B 54 1.23 -18.25 -22.73
CA LEU B 54 1.89 -19.37 -23.41
C LEU B 54 0.94 -20.52 -23.65
N GLU B 55 0.08 -20.83 -22.67
CA GLU B 55 -0.82 -21.96 -22.76
C GLU B 55 -2.07 -21.67 -23.57
N ASN B 56 -2.19 -20.47 -24.15
CA ASN B 56 -3.24 -20.15 -25.10
C ASN B 56 -2.68 -19.95 -26.51
N THR B 57 -1.45 -20.40 -26.76
CA THR B 57 -0.91 -20.42 -28.12
C THR B 57 -1.62 -21.48 -28.92
N SER B 58 -1.97 -21.14 -30.17
CA SER B 58 -2.56 -22.12 -31.08
C SER B 58 -1.69 -23.37 -31.13
N ILE B 59 -2.32 -24.53 -31.01
CA ILE B 59 -1.55 -25.77 -30.99
C ILE B 59 -0.96 -26.00 -32.37
N SER B 60 0.25 -26.57 -32.40
CA SER B 60 1.06 -26.62 -33.62
C SER B 60 0.72 -27.87 -34.41
N GLN B 61 0.02 -27.68 -35.52
CA GLN B 61 -0.28 -28.75 -36.46
C GLN B 61 0.31 -28.38 -37.82
N GLY B 62 0.42 -29.39 -38.68
CA GLY B 62 1.09 -29.25 -39.94
C GLY B 62 2.48 -29.84 -39.92
N HIS B 63 2.99 -30.15 -41.11
CA HIS B 63 4.32 -30.74 -41.27
C HIS B 63 5.04 -29.99 -42.37
N PRO B 64 5.80 -28.94 -42.03
CA PRO B 64 5.99 -28.43 -40.67
C PRO B 64 4.93 -27.43 -40.22
N PRO B 65 4.75 -27.27 -38.91
CA PRO B 65 3.93 -26.17 -38.43
C PRO B 65 4.64 -24.86 -38.69
N PRO B 66 3.90 -23.75 -38.81
CA PRO B 66 4.55 -22.44 -38.92
C PRO B 66 5.19 -22.06 -37.59
N VAL B 67 6.16 -21.16 -37.65
CA VAL B 67 6.72 -20.64 -36.41
C VAL B 67 5.62 -19.92 -35.66
N PRO B 68 5.34 -20.28 -34.41
CA PRO B 68 4.22 -19.64 -33.69
C PRO B 68 4.44 -18.14 -33.54
N ARG B 69 3.32 -17.42 -33.46
CA ARG B 69 3.40 -16.00 -33.19
C ARG B 69 3.65 -15.77 -31.71
N PRO B 70 4.54 -14.85 -31.34
CA PRO B 70 4.71 -14.53 -29.94
C PRO B 70 3.39 -14.13 -29.31
N PRO B 71 3.22 -14.34 -28.01
CA PRO B 71 2.00 -13.85 -27.36
C PRO B 71 1.90 -12.33 -27.46
N ARG B 72 0.67 -11.84 -27.50
CA ARG B 72 0.49 -10.39 -27.57
C ARG B 72 1.03 -9.70 -26.32
N VAL B 73 0.76 -10.28 -25.15
CA VAL B 73 1.12 -9.66 -23.88
C VAL B 73 2.47 -10.23 -23.45
N VAL B 74 3.51 -9.40 -23.54
CA VAL B 74 4.84 -9.76 -23.06
C VAL B 74 5.50 -8.53 -22.44
N ASP B 75 6.44 -8.78 -21.55
CA ASP B 75 7.36 -7.77 -21.05
C ASP B 75 8.75 -8.13 -21.55
N LYS B 76 9.48 -7.14 -22.07
CA LYS B 76 10.79 -7.38 -22.63
C LYS B 76 11.79 -6.39 -22.09
N LEU B 77 12.99 -6.89 -21.79
CA LEU B 77 14.12 -6.06 -21.40
C LEU B 77 15.35 -6.57 -22.13
N SER B 78 15.95 -5.74 -22.96
CA SER B 78 17.17 -6.07 -23.69
C SER B 78 18.20 -4.99 -23.42
N LEU B 79 19.38 -5.39 -22.96
CA LEU B 79 20.41 -4.45 -22.57
C LEU B 79 21.78 -4.88 -23.08
N CYS B 80 22.54 -3.91 -23.57
CA CYS B 80 23.95 -4.10 -23.87
C CYS B 80 24.76 -3.58 -22.68
N ILE B 81 25.84 -4.29 -22.35
CA ILE B 81 26.57 -4.08 -21.11
C ILE B 81 28.06 -4.04 -21.43
N ALA B 82 28.73 -3.01 -20.97
CA ALA B 82 30.17 -2.90 -21.19
C ALA B 82 30.89 -3.91 -20.30
N PRO B 83 31.76 -4.75 -20.86
CA PRO B 83 32.51 -5.71 -20.04
C PRO B 83 33.82 -5.10 -19.54
N GLY B 84 34.33 -5.68 -18.46
CA GLY B 84 35.61 -5.26 -17.92
C GLY B 84 36.80 -5.84 -18.64
N LYS B 85 36.59 -6.80 -19.53
CA LYS B 85 37.63 -7.39 -20.34
C LYS B 85 37.16 -7.48 -21.79
N ALA B 86 38.11 -7.63 -22.70
CA ALA B 86 37.78 -7.67 -24.12
C ALA B 86 37.16 -9.01 -24.50
N CYS B 87 36.39 -8.99 -25.58
CA CYS B 87 35.83 -10.22 -26.13
C CYS B 87 36.92 -11.00 -26.86
N SER B 88 36.82 -12.33 -26.78
CA SER B 88 37.66 -13.16 -27.61
C SER B 88 37.36 -12.87 -29.08
N PRO B 89 38.30 -13.11 -29.98
CA PRO B 89 38.03 -12.86 -31.40
C PRO B 89 36.72 -13.52 -31.82
N GLY B 90 36.60 -14.83 -31.61
CA GLY B 90 35.41 -15.53 -32.09
C GLY B 90 34.13 -15.07 -31.42
N ALA B 91 34.21 -14.74 -30.13
CA ALA B 91 33.01 -14.28 -29.42
C ALA B 91 32.53 -12.95 -29.99
N SER B 92 33.47 -12.05 -30.30
CA SER B 92 33.09 -10.78 -30.91
C SER B 92 32.52 -10.98 -32.31
N GLU B 93 32.99 -11.98 -33.06
CA GLU B 93 32.47 -12.18 -34.40
C GLU B 93 31.10 -12.85 -34.40
N ILE B 94 30.82 -13.73 -33.43
CA ILE B 94 29.51 -14.37 -33.44
C ILE B 94 28.43 -13.48 -32.82
N THR B 95 28.80 -12.65 -31.82
CA THR B 95 27.82 -11.76 -31.21
C THR B 95 27.67 -10.44 -31.94
N GLY B 96 28.66 -10.02 -32.72
CA GLY B 96 28.63 -8.71 -33.31
C GLY B 96 28.86 -7.57 -32.35
N LEU B 97 29.38 -7.87 -31.15
CA LEU B 97 29.69 -6.88 -30.15
C LEU B 97 31.17 -6.89 -29.84
N SER B 98 31.65 -5.80 -29.26
CA SER B 98 33.04 -5.69 -28.81
C SER B 98 33.10 -4.69 -27.67
N LYS B 99 34.11 -4.85 -26.82
CA LYS B 99 34.28 -3.96 -25.69
C LYS B 99 34.42 -2.51 -26.14
N ALA B 100 35.30 -2.25 -27.10
CA ALA B 100 35.53 -0.89 -27.56
C ALA B 100 34.24 -0.25 -28.06
N GLU B 101 33.49 -0.99 -28.89
CA GLU B 101 32.28 -0.42 -29.46
C GLU B 101 31.22 -0.16 -28.40
N LEU B 102 31.06 -1.09 -27.45
CA LEU B 102 30.14 -0.87 -26.35
C LEU B 102 30.55 0.36 -25.52
N GLU B 103 31.86 0.57 -25.34
CA GLU B 103 32.31 1.68 -24.52
C GLU B 103 32.08 3.02 -25.19
N VAL B 104 32.36 3.11 -26.50
CA VAL B 104 32.21 4.38 -27.18
C VAL B 104 30.74 4.75 -27.36
N GLN B 105 29.83 3.78 -27.31
CA GLN B 105 28.40 4.07 -27.24
C GLN B 105 27.92 4.22 -25.80
N GLY B 106 28.84 4.44 -24.86
CA GLY B 106 28.48 4.77 -23.50
C GLY B 106 27.75 3.71 -22.70
N ARG B 107 27.92 2.44 -23.04
CA ARG B 107 27.29 1.40 -22.25
C ARG B 107 27.94 1.32 -20.87
N GLN B 108 27.12 1.08 -19.86
CA GLN B 108 27.59 0.97 -18.49
C GLN B 108 27.91 -0.48 -18.14
N ARG B 109 28.68 -0.64 -17.08
CA ARG B 109 29.07 -1.97 -16.62
C ARG B 109 27.91 -2.66 -15.92
N PHE B 110 28.10 -3.94 -15.62
CA PHE B 110 27.14 -4.70 -14.82
C PHE B 110 27.20 -4.21 -13.38
N ASP B 111 26.34 -3.25 -13.02
CA ASP B 111 26.47 -2.56 -11.74
C ASP B 111 25.17 -2.60 -10.94
N ASP B 112 25.14 -1.89 -9.80
CA ASP B 112 24.00 -1.99 -8.90
C ASP B 112 22.74 -1.37 -9.50
N ASN B 113 22.89 -0.34 -10.35
CA ASN B 113 21.72 0.20 -11.02
C ASN B 113 21.07 -0.86 -11.91
N LEU B 114 21.90 -1.67 -12.57
CA LEU B 114 21.37 -2.76 -13.39
C LEU B 114 20.61 -3.76 -12.54
N ALA B 115 21.10 -4.06 -11.34
CA ALA B 115 20.39 -4.94 -10.44
C ALA B 115 19.07 -4.33 -9.97
N ILE B 116 19.04 -3.00 -9.80
CA ILE B 116 17.78 -2.33 -9.49
C ILE B 116 16.80 -2.52 -10.65
N LEU B 117 17.24 -2.18 -11.86
CA LEU B 117 16.43 -2.41 -13.05
C LEU B 117 15.90 -3.84 -13.07
N LEU B 118 16.78 -4.83 -12.93
CA LEU B 118 16.35 -6.22 -12.97
C LEU B 118 15.33 -6.50 -11.87
N ARG B 119 15.56 -5.99 -10.66
CA ARG B 119 14.63 -6.22 -9.57
C ARG B 119 13.26 -5.64 -9.88
N ALA B 120 13.21 -4.38 -10.31
CA ALA B 120 11.93 -3.75 -10.62
C ALA B 120 11.23 -4.46 -11.77
N PHE B 121 11.98 -4.91 -12.77
CA PHE B 121 11.40 -5.67 -13.86
C PHE B 121 10.76 -6.96 -13.34
N LEU B 122 11.49 -7.67 -12.48
CA LEU B 122 10.98 -8.94 -11.97
C LEU B 122 9.76 -8.71 -11.07
N GLN B 123 9.79 -7.65 -10.27
CA GLN B 123 8.68 -7.35 -9.37
C GLN B 123 7.36 -7.18 -10.13
N ARG B 124 7.41 -6.78 -11.39
CA ARG B 124 6.19 -6.61 -12.16
C ARG B 124 5.62 -7.94 -12.66
N GLN B 125 6.29 -9.06 -12.41
CA GLN B 125 5.76 -10.32 -12.90
C GLN B 125 5.10 -11.10 -11.77
N PRO B 126 3.97 -11.77 -12.02
CA PRO B 126 3.38 -12.61 -10.98
C PRO B 126 4.30 -13.78 -10.64
N GLN B 127 4.34 -14.12 -9.35
CA GLN B 127 5.15 -15.22 -8.84
C GLN B 127 4.29 -16.45 -8.63
N PRO B 128 4.89 -17.65 -8.60
CA PRO B 128 6.33 -17.92 -8.76
C PRO B 128 6.78 -17.76 -10.21
N CYS B 129 8.03 -17.35 -10.38
CA CYS B 129 8.60 -16.95 -11.65
C CYS B 129 9.82 -17.81 -11.94
N CYS B 130 9.99 -18.22 -13.19
CA CYS B 130 11.03 -19.16 -13.55
C CYS B 130 11.81 -18.68 -14.78
N LEU B 131 13.12 -18.56 -14.61
CA LEU B 131 14.00 -18.29 -15.74
C LEU B 131 14.13 -19.52 -16.63
N VAL B 132 14.01 -19.32 -17.93
CA VAL B 132 14.21 -20.39 -18.91
C VAL B 132 15.35 -19.96 -19.83
N ALA B 133 16.40 -20.78 -19.90
CA ALA B 133 17.54 -20.47 -20.76
C ALA B 133 18.10 -21.74 -21.37
N HIS B 134 18.47 -21.65 -22.65
CA HIS B 134 19.07 -22.77 -23.34
C HIS B 134 20.54 -22.90 -22.96
N ASN B 135 20.92 -24.09 -22.50
CA ASN B 135 22.22 -24.32 -21.88
C ASN B 135 22.39 -23.48 -20.62
N GLY B 136 21.27 -23.14 -19.98
CA GLY B 136 21.34 -22.26 -18.81
C GLY B 136 22.11 -22.87 -17.65
N ASP B 137 21.97 -24.19 -17.45
CA ASP B 137 22.63 -24.83 -16.32
C ASP B 137 24.14 -24.77 -16.43
N ARG B 138 24.67 -24.85 -17.65
CA ARG B 138 26.12 -24.90 -17.86
C ARG B 138 26.71 -23.54 -18.26
N TYR B 139 25.87 -22.51 -18.46
CA TYR B 139 26.43 -21.24 -18.87
C TYR B 139 25.68 -20.03 -18.35
N ASP B 140 24.44 -19.82 -18.81
CA ASP B 140 23.73 -18.57 -18.51
C ASP B 140 23.53 -18.40 -17.00
N PHE B 141 23.02 -19.43 -16.33
CA PHE B 141 22.71 -19.27 -14.91
C PHE B 141 23.99 -19.12 -14.08
N PRO B 142 25.01 -19.96 -14.24
CA PRO B 142 26.25 -19.74 -13.47
C PRO B 142 26.88 -18.38 -13.74
N LEU B 143 26.86 -17.91 -14.99
CA LEU B 143 27.46 -16.63 -15.30
C LEU B 143 26.69 -15.47 -14.67
N LEU B 144 25.36 -15.53 -14.73
CA LEU B 144 24.54 -14.51 -14.09
C LEU B 144 24.78 -14.48 -12.58
N GLN B 145 24.89 -15.66 -11.97
CA GLN B 145 25.22 -15.72 -10.55
C GLN B 145 26.55 -15.03 -10.26
N THR B 146 27.57 -15.30 -11.09
CA THR B 146 28.87 -14.68 -10.89
C THR B 146 28.78 -13.16 -10.98
N GLU B 147 28.03 -12.64 -11.96
CA GLU B 147 27.94 -11.19 -12.12
C GLU B 147 27.24 -10.55 -10.94
N LEU B 148 26.14 -11.16 -10.47
CA LEU B 148 25.42 -10.58 -9.35
C LEU B 148 26.19 -10.74 -8.03
N ALA B 149 27.04 -11.78 -7.94
CA ALA B 149 27.84 -11.97 -6.74
C ALA B 149 28.82 -10.83 -6.53
N ARG B 150 29.21 -10.14 -7.61
CA ARG B 150 30.13 -9.01 -7.50
C ARG B 150 29.48 -7.77 -6.92
N LEU B 151 28.15 -7.73 -6.81
CA LEU B 151 27.45 -6.53 -6.40
C LEU B 151 27.11 -6.55 -4.92
N SER B 152 27.00 -5.36 -4.34
CA SER B 152 26.56 -5.24 -2.96
C SER B 152 25.10 -5.65 -2.82
N THR B 153 24.29 -5.34 -3.82
CA THR B 153 22.88 -5.69 -3.77
C THR B 153 22.72 -7.18 -3.52
N PRO B 154 21.80 -7.59 -2.64
CA PRO B 154 21.36 -8.99 -2.64
C PRO B 154 20.72 -9.37 -3.96
N SER B 155 21.09 -10.56 -4.46
CA SER B 155 20.65 -10.99 -5.78
C SER B 155 19.14 -10.77 -5.94
N PRO B 156 18.69 -10.12 -7.01
CA PRO B 156 17.25 -10.02 -7.25
C PRO B 156 16.60 -11.32 -7.65
N LEU B 157 17.39 -12.38 -7.86
CA LEU B 157 16.89 -13.66 -8.36
C LEU B 157 16.74 -14.71 -7.27
N ASP B 158 16.98 -14.38 -6.01
CA ASP B 158 16.96 -15.41 -4.98
C ASP B 158 15.58 -16.01 -4.79
N GLY B 159 14.52 -15.25 -5.09
CA GLY B 159 13.18 -15.78 -5.06
C GLY B 159 12.72 -16.39 -6.37
N THR B 160 13.59 -16.45 -7.37
CA THR B 160 13.23 -16.89 -8.70
C THR B 160 13.73 -18.31 -8.95
N PHE B 161 12.98 -19.05 -9.77
CA PHE B 161 13.35 -20.40 -10.18
C PHE B 161 14.02 -20.35 -11.54
N CYS B 162 14.56 -21.50 -11.96
CA CYS B 162 15.21 -21.58 -13.26
C CYS B 162 15.16 -23.01 -13.78
N VAL B 163 15.14 -23.12 -15.11
CA VAL B 163 15.24 -24.41 -15.80
C VAL B 163 16.13 -24.23 -17.01
N ASP B 164 16.74 -25.33 -17.45
CA ASP B 164 17.46 -25.40 -18.72
C ASP B 164 16.53 -25.97 -19.78
N SER B 165 16.35 -25.25 -20.88
CA SER B 165 15.43 -25.71 -21.91
C SER B 165 15.98 -26.87 -22.73
N ILE B 166 17.28 -27.16 -22.64
CA ILE B 166 17.82 -28.31 -23.37
C ILE B 166 17.14 -29.59 -22.90
N ALA B 167 17.21 -29.84 -21.59
CA ALA B 167 16.55 -31.03 -21.04
C ALA B 167 15.06 -31.02 -21.34
N ALA B 168 14.44 -29.85 -21.31
CA ALA B 168 13.01 -29.76 -21.58
C ALA B 168 12.69 -30.25 -22.99
N LEU B 169 13.45 -29.78 -23.98
CA LEU B 169 13.16 -30.16 -25.36
C LEU B 169 13.60 -31.59 -25.67
N LYS B 170 14.65 -32.08 -25.01
CA LYS B 170 14.98 -33.50 -25.12
C LYS B 170 13.77 -34.35 -24.74
N ALA B 171 13.18 -34.07 -23.58
CA ALA B 171 12.01 -34.81 -23.13
C ALA B 171 10.83 -34.60 -24.07
N LEU B 172 10.50 -33.33 -24.36
CA LEU B 172 9.33 -33.04 -25.18
C LEU B 172 9.43 -33.72 -26.54
N GLU B 173 10.63 -33.72 -27.14
CA GLU B 173 10.77 -34.30 -28.47
C GLU B 173 10.58 -35.82 -28.45
N GLN B 174 11.06 -36.48 -27.39
CA GLN B 174 10.92 -37.93 -27.35
C GLN B 174 9.46 -38.35 -27.26
N ALA B 175 8.61 -37.53 -26.64
CA ALA B 175 7.19 -37.86 -26.57
C ALA B 175 6.57 -37.92 -27.97
N SER B 176 6.89 -36.93 -28.81
CA SER B 176 6.49 -36.97 -30.21
C SER B 176 7.41 -37.83 -31.07
N SER B 177 8.64 -38.07 -30.64
CA SER B 177 9.56 -38.96 -31.37
C SER B 177 10.02 -40.08 -30.46
N PRO B 178 9.39 -41.26 -30.50
CA PRO B 178 9.80 -42.38 -29.65
C PRO B 178 10.71 -43.36 -30.35
N LYS B 185 21.37 -36.94 -32.24
CA LYS B 185 20.62 -35.71 -32.45
C LYS B 185 21.26 -34.54 -31.70
N SER B 186 21.49 -33.45 -32.41
CA SER B 186 21.99 -32.23 -31.79
C SER B 186 20.84 -31.46 -31.15
N TYR B 187 21.11 -30.93 -29.94
CA TYR B 187 20.12 -30.15 -29.22
C TYR B 187 20.56 -28.71 -29.02
N SER B 188 21.47 -28.22 -29.87
CA SER B 188 21.70 -26.79 -29.95
C SER B 188 20.39 -26.07 -30.26
N LEU B 189 20.35 -24.78 -29.94
CA LEU B 189 19.14 -24.00 -30.19
C LEU B 189 18.73 -24.07 -31.65
N GLY B 190 19.70 -23.90 -32.56
CA GLY B 190 19.37 -23.86 -33.97
C GLY B 190 18.94 -25.22 -34.51
N SER B 191 19.57 -26.29 -34.05
CA SER B 191 19.22 -27.62 -34.53
C SER B 191 17.77 -27.97 -34.17
N ILE B 192 17.35 -27.62 -32.95
CA ILE B 192 15.96 -27.87 -32.56
C ILE B 192 15.02 -27.07 -33.44
N TYR B 193 15.26 -25.76 -33.54
CA TYR B 193 14.39 -24.87 -34.31
C TYR B 193 14.23 -25.36 -35.74
N THR B 194 15.35 -25.68 -36.40
CA THR B 194 15.28 -26.14 -37.78
C THR B 194 14.54 -27.47 -37.87
N ARG B 195 14.70 -28.33 -36.88
CA ARG B 195 14.02 -29.62 -36.88
C ARG B 195 12.51 -29.46 -36.71
N LEU B 196 12.09 -28.51 -35.87
CA LEU B 196 10.67 -28.29 -35.65
C LEU B 196 10.01 -27.49 -36.78
N TYR B 197 10.75 -26.57 -37.40
CA TYR B 197 10.15 -25.57 -38.27
C TYR B 197 10.76 -25.51 -39.66
N TRP B 198 11.81 -26.28 -39.94
CA TRP B 198 12.34 -26.45 -41.29
C TRP B 198 12.90 -25.15 -41.87
N GLN B 199 13.37 -24.24 -41.01
CA GLN B 199 14.04 -23.05 -41.49
C GLN B 199 15.02 -22.59 -40.42
N ALA B 200 16.03 -21.85 -40.85
CA ALA B 200 17.10 -21.45 -39.95
C ALA B 200 16.64 -20.30 -39.07
N PRO B 201 17.03 -20.28 -37.80
CA PRO B 201 16.70 -19.12 -36.95
C PRO B 201 17.31 -17.85 -37.53
N THR B 202 16.85 -16.73 -37.00
CA THR B 202 17.40 -15.43 -37.37
C THR B 202 18.09 -14.78 -36.17
N ASP B 203 19.17 -14.07 -36.43
CA ASP B 203 19.83 -13.23 -35.44
C ASP B 203 20.43 -14.06 -34.31
N SER B 204 21.15 -15.12 -34.69
CA SER B 204 21.80 -15.99 -33.73
C SER B 204 22.87 -15.24 -32.94
N HIS B 205 23.00 -15.60 -31.66
CA HIS B 205 23.99 -15.02 -30.75
C HIS B 205 23.80 -13.52 -30.58
N THR B 206 22.59 -13.04 -30.80
CA THR B 206 22.11 -11.80 -30.22
C THR B 206 21.14 -12.18 -29.11
N ALA B 207 21.18 -11.44 -28.00
CA ALA B 207 20.39 -11.82 -26.83
C ALA B 207 18.90 -11.85 -27.17
N GLU B 208 18.41 -10.82 -27.87
CA GLU B 208 17.00 -10.80 -28.23
C GLU B 208 16.68 -11.84 -29.30
N GLY B 209 17.56 -11.98 -30.29
CA GLY B 209 17.33 -13.00 -31.31
C GLY B 209 17.21 -14.38 -30.71
N ASP B 210 18.15 -14.74 -29.83
CA ASP B 210 18.15 -16.07 -29.23
C ASP B 210 16.97 -16.27 -28.30
N VAL B 211 16.53 -15.22 -27.60
CA VAL B 211 15.37 -15.36 -26.72
C VAL B 211 14.11 -15.62 -27.54
N LEU B 212 13.97 -14.92 -28.67
CA LEU B 212 12.79 -15.11 -29.51
C LEU B 212 12.78 -16.49 -30.15
N THR B 213 13.95 -16.97 -30.57
CA THR B 213 14.06 -18.33 -31.07
C THR B 213 13.70 -19.35 -29.99
N LEU B 214 14.18 -19.13 -28.77
CA LEU B 214 13.86 -20.05 -27.67
C LEU B 214 12.37 -20.03 -27.36
N LEU B 215 11.75 -18.84 -27.36
CA LEU B 215 10.31 -18.78 -27.14
C LEU B 215 9.57 -19.56 -28.21
N SER B 216 10.06 -19.52 -29.45
CA SER B 216 9.40 -20.21 -30.55
C SER B 216 9.39 -21.72 -30.33
N ILE B 217 10.52 -22.29 -29.89
CA ILE B 217 10.56 -23.74 -29.70
C ILE B 217 9.78 -24.12 -28.45
N CYS B 218 9.74 -23.25 -27.44
CA CYS B 218 8.95 -23.54 -26.24
C CYS B 218 7.46 -23.44 -26.50
N GLN B 219 7.06 -22.73 -27.56
CA GLN B 219 5.65 -22.65 -27.94
C GLN B 219 5.19 -23.83 -28.78
N TRP B 220 6.11 -24.71 -29.18
CA TRP B 220 5.75 -25.85 -30.01
C TRP B 220 4.72 -26.73 -29.31
N LYS B 221 4.96 -27.04 -28.04
CA LYS B 221 4.01 -27.80 -27.22
C LYS B 221 3.94 -27.11 -25.86
N PRO B 222 3.12 -26.06 -25.75
CA PRO B 222 3.21 -25.21 -24.54
C PRO B 222 2.79 -25.92 -23.26
N GLN B 223 1.68 -26.66 -23.27
CA GLN B 223 1.22 -27.30 -22.04
C GLN B 223 2.21 -28.35 -21.58
N ALA B 224 2.77 -29.13 -22.51
CA ALA B 224 3.82 -30.07 -22.15
C ALA B 224 5.01 -29.34 -21.53
N LEU B 225 5.44 -28.25 -22.16
CA LEU B 225 6.57 -27.50 -21.60
C LEU B 225 6.26 -27.00 -20.19
N LEU B 226 5.08 -26.40 -20.01
CA LEU B 226 4.75 -25.82 -18.71
C LEU B 226 4.77 -26.87 -17.61
N GLN B 227 4.22 -28.04 -17.89
CA GLN B 227 4.22 -29.13 -16.90
C GLN B 227 5.65 -29.55 -16.59
N TRP B 228 6.46 -29.74 -17.63
CA TRP B 228 7.87 -30.11 -17.41
C TRP B 228 8.57 -29.05 -16.55
N VAL B 229 8.35 -27.77 -16.86
CA VAL B 229 8.97 -26.70 -16.09
C VAL B 229 8.54 -26.79 -14.63
N ASP B 230 7.24 -26.99 -14.39
CA ASP B 230 6.76 -27.09 -13.01
C ASP B 230 7.43 -28.22 -12.26
N GLU B 231 7.76 -29.31 -12.95
CA GLU B 231 8.32 -30.48 -12.29
C GLU B 231 9.82 -30.37 -12.06
N HIS B 232 10.53 -29.60 -12.89
CA HIS B 232 11.98 -29.55 -12.83
C HIS B 232 12.53 -28.18 -12.47
N ALA B 233 11.68 -27.23 -12.13
CA ALA B 233 12.15 -25.91 -11.74
C ALA B 233 12.87 -26.00 -10.39
N ARG B 234 13.99 -25.32 -10.29
CA ARG B 234 14.78 -25.27 -9.06
C ARG B 234 15.12 -23.82 -8.75
N PRO B 235 15.37 -23.51 -7.48
CA PRO B 235 15.66 -22.12 -7.13
C PRO B 235 16.98 -21.65 -7.74
N PHE B 236 16.98 -20.42 -8.24
CA PHE B 236 18.22 -19.82 -8.69
C PHE B 236 19.22 -19.70 -7.55
N SER B 237 18.76 -19.77 -6.30
CA SER B 237 19.67 -19.71 -5.16
C SER B 237 20.69 -20.84 -5.19
N THR B 238 20.32 -21.99 -5.76
CA THR B 238 21.17 -23.18 -5.72
C THR B 238 22.11 -23.26 -6.92
N VAL B 239 22.09 -22.28 -7.81
CA VAL B 239 23.00 -22.26 -8.96
C VAL B 239 24.37 -21.80 -8.46
N LYS B 240 25.39 -22.62 -8.72
CA LYS B 240 26.71 -22.21 -8.23
C LYS B 240 27.42 -21.34 -9.26
N PRO B 241 28.11 -20.28 -8.82
CA PRO B 241 28.75 -19.38 -9.78
C PRO B 241 29.69 -20.10 -10.72
N MET B 242 29.78 -19.60 -11.96
CA MET B 242 30.71 -20.15 -12.92
C MET B 242 32.15 -20.03 -12.44
N TYR B 243 32.46 -18.93 -11.76
CA TYR B 243 33.78 -18.71 -11.18
C TYR B 243 33.61 -17.67 -10.09
N GLY B 244 34.63 -17.55 -9.24
CA GLY B 244 34.54 -16.72 -8.06
C GLY B 244 35.58 -15.63 -7.97
N HIS C 20 -36.43 13.17 15.91
CA HIS C 20 -35.90 12.87 17.23
C HIS C 20 -34.59 12.08 17.15
N MET C 21 -33.48 12.74 17.45
CA MET C 21 -32.21 12.03 17.48
C MET C 21 -32.25 10.97 18.58
N GLN C 22 -31.79 9.76 18.25
CA GLN C 22 -31.70 8.71 19.25
C GLN C 22 -30.33 8.65 19.92
N THR C 23 -29.29 9.07 19.22
CA THR C 23 -27.93 9.09 19.77
C THR C 23 -27.31 10.45 19.57
N LEU C 24 -26.67 10.97 20.62
CA LEU C 24 -25.79 12.13 20.53
C LEU C 24 -24.35 11.64 20.69
N ILE C 25 -23.49 12.02 19.76
CA ILE C 25 -22.09 11.62 19.79
C ILE C 25 -21.28 12.89 20.05
N PHE C 26 -20.84 13.05 21.29
CA PHE C 26 -19.95 14.15 21.62
C PHE C 26 -18.58 13.89 21.02
N LEU C 27 -18.06 14.90 20.32
CA LEU C 27 -16.88 14.79 19.49
C LEU C 27 -15.92 15.90 19.84
N ASP C 28 -14.63 15.57 19.89
CA ASP C 28 -13.60 16.60 19.91
C ASP C 28 -12.40 16.15 19.09
N LEU C 29 -11.87 17.07 18.30
CA LEU C 29 -10.64 16.88 17.56
C LEU C 29 -9.56 17.78 18.11
N GLU C 30 -8.34 17.27 18.21
CA GLU C 30 -7.16 18.09 18.36
C GLU C 30 -6.31 17.92 17.11
N ALA C 31 -5.50 18.94 16.81
CA ALA C 31 -4.85 19.00 15.52
C ALA C 31 -3.50 19.71 15.64
N THR C 32 -2.85 19.88 14.47
CA THR C 32 -1.51 20.44 14.39
C THR C 32 -1.49 21.96 14.42
N GLY C 33 -2.62 22.63 14.26
CA GLY C 33 -2.64 24.08 14.34
C GLY C 33 -3.98 24.66 13.96
N LEU C 34 -3.96 25.97 13.72
CA LEU C 34 -5.17 26.73 13.42
C LEU C 34 -5.56 26.55 11.96
N PRO C 35 -6.79 26.93 11.60
CA PRO C 35 -7.27 26.65 10.23
C PRO C 35 -6.39 27.21 9.13
N SER C 36 -5.87 28.42 9.30
CA SER C 36 -4.95 28.98 8.29
C SER C 36 -3.82 28.01 7.98
N SER C 37 -3.41 27.20 8.96
CA SER C 37 -2.28 26.30 8.80
C SER C 37 -2.59 25.05 8.00
N ARG C 38 -3.84 24.88 7.55
CA ARG C 38 -4.22 23.64 6.88
C ARG C 38 -3.91 22.48 7.81
N PRO C 39 -4.54 22.44 8.98
CA PRO C 39 -4.11 21.49 10.02
C PRO C 39 -4.56 20.07 9.76
N GLU C 40 -3.92 19.14 10.48
CA GLU C 40 -4.22 17.73 10.42
C GLU C 40 -4.54 17.22 11.82
N VAL C 41 -5.41 16.21 11.87
CA VAL C 41 -5.90 15.70 13.15
C VAL C 41 -4.83 14.87 13.84
N THR C 42 -4.66 15.11 15.14
CA THR C 42 -3.73 14.36 15.97
C THR C 42 -4.43 13.51 17.02
N GLU C 43 -5.69 13.78 17.31
CA GLU C 43 -6.43 13.02 18.32
C GLU C 43 -7.91 13.24 18.08
N LEU C 44 -8.68 12.19 18.35
CA LEU C 44 -10.12 12.16 18.08
C LEU C 44 -10.78 11.40 19.21
N CYS C 45 -11.86 11.94 19.74
CA CYS C 45 -12.63 11.21 20.74
C CYS C 45 -14.11 11.32 20.41
N LEU C 46 -14.79 10.18 20.49
CA LEU C 46 -16.22 10.08 20.31
C LEU C 46 -16.81 9.50 21.58
N LEU C 47 -17.88 10.12 22.08
CA LEU C 47 -18.58 9.61 23.26
C LEU C 47 -20.05 9.55 22.90
N ALA C 48 -20.56 8.33 22.70
CA ALA C 48 -21.91 8.10 22.20
C ALA C 48 -22.85 7.85 23.38
N VAL C 49 -23.89 8.67 23.49
CA VAL C 49 -24.81 8.63 24.62
C VAL C 49 -26.22 8.56 24.05
N HIS C 50 -26.96 7.51 24.42
CA HIS C 50 -28.36 7.41 24.01
C HIS C 50 -29.16 8.54 24.64
N ARG C 51 -30.21 8.98 23.93
CA ARG C 51 -30.98 10.13 24.41
C ARG C 51 -31.64 9.82 25.75
N ARG C 52 -32.03 8.56 25.99
CA ARG C 52 -32.56 8.20 27.29
C ARG C 52 -31.53 8.44 28.39
N ALA C 53 -30.29 7.99 28.17
CA ALA C 53 -29.25 8.18 29.18
C ALA C 53 -29.02 9.65 29.48
N LEU C 54 -29.15 10.51 28.48
CA LEU C 54 -28.93 11.93 28.69
C LEU C 54 -30.12 12.59 29.39
N GLU C 55 -31.33 12.32 28.91
CA GLU C 55 -32.51 12.97 29.46
C GLU C 55 -32.88 12.45 30.85
N ASN C 56 -32.20 11.41 31.32
CA ASN C 56 -32.36 10.96 32.70
C ASN C 56 -31.24 11.44 33.60
N THR C 57 -30.38 12.33 33.09
CA THR C 57 -29.46 13.06 33.95
C THR C 57 -30.26 14.08 34.75
N SER C 58 -30.06 14.10 36.07
CA SER C 58 -30.96 14.81 36.96
C SER C 58 -30.86 16.31 36.75
N ILE C 59 -31.88 17.01 37.21
CA ILE C 59 -31.99 18.45 37.09
C ILE C 59 -30.81 19.15 37.73
N SER C 60 -30.63 20.42 37.42
CA SER C 60 -29.56 21.24 37.97
C SER C 60 -30.15 22.20 39.00
N GLN C 61 -29.95 21.89 40.28
CA GLN C 61 -30.38 22.74 41.37
C GLN C 61 -29.16 23.28 42.11
N GLY C 62 -29.27 24.52 42.56
CA GLY C 62 -28.17 25.19 43.23
C GLY C 62 -27.49 26.21 42.34
N HIS C 63 -26.74 27.11 42.99
CA HIS C 63 -26.03 28.18 42.28
C HIS C 63 -24.66 28.33 42.93
N PRO C 64 -23.67 27.55 42.46
CA PRO C 64 -23.78 26.66 41.29
C PRO C 64 -24.27 25.26 41.59
N PRO C 65 -24.84 24.58 40.59
CA PRO C 65 -25.15 23.16 40.74
C PRO C 65 -23.86 22.34 40.74
N PRO C 66 -23.91 21.11 41.23
CA PRO C 66 -22.73 20.24 41.14
C PRO C 66 -22.50 19.76 39.71
N VAL C 67 -21.26 19.39 39.44
CA VAL C 67 -20.88 18.87 38.12
C VAL C 67 -21.60 17.55 37.90
N PRO C 68 -22.44 17.42 36.87
CA PRO C 68 -23.19 16.16 36.69
C PRO C 68 -22.27 14.97 36.46
N ARG C 69 -22.75 13.80 36.86
CA ARG C 69 -22.03 12.56 36.61
C ARG C 69 -22.37 12.02 35.23
N PRO C 70 -21.41 11.50 34.48
CA PRO C 70 -21.74 10.96 33.16
C PRO C 70 -22.71 9.80 33.30
N PRO C 71 -23.49 9.52 32.25
CA PRO C 71 -24.38 8.36 32.31
C PRO C 71 -23.59 7.06 32.47
N ARG C 72 -24.22 6.07 33.07
CA ARG C 72 -23.58 4.76 33.20
C ARG C 72 -23.29 4.16 31.83
N VAL C 73 -24.30 4.15 30.96
CA VAL C 73 -24.22 3.47 29.68
C VAL C 73 -23.73 4.47 28.64
N VAL C 74 -22.49 4.28 28.17
CA VAL C 74 -21.90 5.09 27.13
C VAL C 74 -21.02 4.20 26.27
N ASP C 75 -20.79 4.64 25.04
CA ASP C 75 -19.79 4.06 24.15
C ASP C 75 -18.73 5.12 23.91
N LYS C 76 -17.46 4.71 24.00
CA LYS C 76 -16.37 5.66 23.92
C LYS C 76 -15.28 5.13 23.00
N LEU C 77 -14.75 6.03 22.17
CA LEU C 77 -13.62 5.74 21.31
C LEU C 77 -12.68 6.94 21.37
N SER C 78 -11.43 6.70 21.74
CA SER C 78 -10.41 7.75 21.78
C SER C 78 -9.17 7.25 21.07
N LEU C 79 -8.70 8.02 20.09
CA LEU C 79 -7.57 7.60 19.28
C LEU C 79 -6.60 8.76 19.10
N CYS C 80 -5.31 8.45 19.23
CA CYS C 80 -4.25 9.35 18.82
C CYS C 80 -3.85 9.01 17.39
N ILE C 81 -3.52 10.05 16.61
CA ILE C 81 -3.35 9.93 15.18
C ILE C 81 -2.07 10.65 14.78
N ALA C 82 -1.20 9.95 14.06
CA ALA C 82 0.02 10.57 13.56
C ALA C 82 -0.33 11.52 12.41
N PRO C 83 0.06 12.79 12.49
CA PRO C 83 -0.15 13.69 11.36
C PRO C 83 1.00 13.61 10.36
N GLY C 84 0.70 14.02 9.13
CA GLY C 84 1.73 14.10 8.11
C GLY C 84 2.68 15.29 8.26
N LYS C 85 2.32 16.26 9.10
CA LYS C 85 3.13 17.45 9.33
C LYS C 85 3.24 17.69 10.83
N ALA C 86 4.22 18.49 11.21
CA ALA C 86 4.47 18.77 12.62
C ALA C 86 3.37 19.63 13.22
N CYS C 87 3.10 19.41 14.49
CA CYS C 87 2.30 20.35 15.26
C CYS C 87 3.07 21.66 15.43
N SER C 88 2.35 22.77 15.34
CA SER C 88 2.94 24.04 15.73
C SER C 88 3.41 23.93 17.18
N PRO C 89 4.44 24.68 17.56
CA PRO C 89 4.81 24.71 18.99
C PRO C 89 3.62 25.02 19.90
N GLY C 90 2.77 25.96 19.48
CA GLY C 90 1.63 26.32 20.32
C GLY C 90 0.62 25.19 20.45
N ALA C 91 0.28 24.54 19.33
CA ALA C 91 -0.61 23.39 19.40
C ALA C 91 -0.04 22.31 20.30
N SER C 92 1.26 22.04 20.16
CA SER C 92 1.89 20.99 20.96
C SER C 92 1.89 21.35 22.44
N GLU C 93 2.02 22.64 22.77
CA GLU C 93 1.98 23.03 24.18
C GLU C 93 0.61 22.79 24.79
N ILE C 94 -0.46 23.12 24.07
CA ILE C 94 -1.78 23.03 24.69
C ILE C 94 -2.34 21.61 24.62
N THR C 95 -2.04 20.85 23.56
CA THR C 95 -2.56 19.48 23.46
C THR C 95 -1.68 18.45 24.13
N GLY C 96 -0.41 18.77 24.38
CA GLY C 96 0.51 17.80 24.91
C GLY C 96 0.94 16.73 23.94
N LEU C 97 0.66 16.90 22.65
CA LEU C 97 1.00 15.92 21.64
C LEU C 97 1.97 16.53 20.63
N SER C 98 2.72 15.64 19.97
CA SER C 98 3.67 16.06 18.94
C SER C 98 3.85 14.93 17.93
N LYS C 99 4.08 15.31 16.67
CA LYS C 99 4.26 14.33 15.61
C LYS C 99 5.33 13.31 15.97
N ALA C 100 6.47 13.79 16.48
CA ALA C 100 7.56 12.88 16.78
C ALA C 100 7.17 11.84 17.82
N GLU C 101 6.49 12.27 18.89
CA GLU C 101 6.13 11.32 19.95
C GLU C 101 5.02 10.38 19.47
N LEU C 102 4.08 10.90 18.69
CA LEU C 102 3.06 10.04 18.11
C LEU C 102 3.68 8.96 17.23
N GLU C 103 4.69 9.31 16.42
CA GLU C 103 5.27 8.34 15.51
C GLU C 103 6.12 7.31 16.27
N VAL C 104 6.86 7.74 17.31
CA VAL C 104 7.70 6.79 18.03
C VAL C 104 6.85 5.78 18.78
N GLN C 105 5.63 6.16 19.16
CA GLN C 105 4.67 5.24 19.75
C GLN C 105 3.80 4.55 18.70
N GLY C 106 4.21 4.61 17.44
CA GLY C 106 3.59 3.81 16.40
C GLY C 106 2.18 4.22 16.02
N ARG C 107 1.76 5.44 16.32
CA ARG C 107 0.45 5.90 15.88
C ARG C 107 0.41 5.93 14.36
N GLN C 108 -0.71 5.52 13.79
CA GLN C 108 -0.90 5.50 12.35
C GLN C 108 -1.62 6.76 11.89
N ARG C 109 -1.63 6.93 10.58
CA ARG C 109 -2.21 8.10 9.94
C ARG C 109 -3.73 8.01 9.94
N PHE C 110 -4.36 9.09 9.49
CA PHE C 110 -5.80 9.12 9.22
C PHE C 110 -6.03 8.40 7.90
N ASP C 111 -6.26 7.09 7.97
CA ASP C 111 -6.26 6.22 6.79
C ASP C 111 -7.56 5.41 6.72
N ASP C 112 -7.63 4.53 5.73
CA ASP C 112 -8.87 3.82 5.45
C ASP C 112 -9.26 2.91 6.62
N ASN C 113 -8.28 2.31 7.30
CA ASN C 113 -8.62 1.47 8.44
C ASN C 113 -9.31 2.28 9.53
N LEU C 114 -8.87 3.53 9.76
CA LEU C 114 -9.54 4.38 10.73
C LEU C 114 -10.98 4.65 10.33
N ALA C 115 -11.22 4.91 9.04
CA ALA C 115 -12.58 5.11 8.57
C ALA C 115 -13.42 3.85 8.79
N ILE C 116 -12.82 2.68 8.55
CA ILE C 116 -13.51 1.42 8.82
C ILE C 116 -13.85 1.32 10.30
N LEU C 117 -12.92 1.73 11.16
CA LEU C 117 -13.15 1.71 12.61
C LEU C 117 -14.30 2.62 12.99
N LEU C 118 -14.27 3.87 12.54
CA LEU C 118 -15.35 4.81 12.84
C LEU C 118 -16.69 4.29 12.34
N ARG C 119 -16.71 3.75 11.12
CA ARG C 119 -17.94 3.18 10.58
C ARG C 119 -18.51 2.12 11.51
N ALA C 120 -17.66 1.19 11.96
CA ALA C 120 -18.14 0.13 12.85
C ALA C 120 -18.61 0.70 14.18
N PHE C 121 -17.91 1.73 14.69
CA PHE C 121 -18.35 2.34 15.95
C PHE C 121 -19.71 3.02 15.77
N LEU C 122 -19.88 3.77 14.67
CA LEU C 122 -21.14 4.43 14.42
C LEU C 122 -22.27 3.43 14.22
N GLN C 123 -22.00 2.32 13.52
CA GLN C 123 -23.07 1.37 13.23
C GLN C 123 -23.60 0.70 14.48
N ARG C 124 -22.88 0.77 15.60
CA ARG C 124 -23.39 0.23 16.86
C ARG C 124 -24.31 1.21 17.58
N GLN C 125 -24.53 2.41 17.03
CA GLN C 125 -25.35 3.41 17.68
C GLN C 125 -26.73 3.50 17.05
N PRO C 126 -27.80 3.60 17.84
CA PRO C 126 -29.13 3.76 17.25
C PRO C 126 -29.25 5.05 16.47
N GLN C 127 -29.97 4.99 15.35
CA GLN C 127 -30.18 6.13 14.45
C GLN C 127 -31.55 6.73 14.68
N PRO C 128 -31.74 8.01 14.34
CA PRO C 128 -30.70 8.89 13.77
C PRO C 128 -29.70 9.33 14.82
N CYS C 129 -28.53 9.76 14.35
CA CYS C 129 -27.36 9.98 15.20
C CYS C 129 -26.78 11.34 14.88
N CYS C 130 -26.42 12.11 15.91
CA CYS C 130 -25.98 13.49 15.74
C CYS C 130 -24.68 13.75 16.48
N LEU C 131 -23.68 14.21 15.74
CA LEU C 131 -22.43 14.66 16.35
C LEU C 131 -22.64 15.99 17.06
N VAL C 132 -22.04 16.14 18.24
CA VAL C 132 -22.05 17.38 18.99
C VAL C 132 -20.62 17.76 19.28
N ALA C 133 -20.20 18.93 18.82
CA ALA C 133 -18.84 19.38 19.04
C ALA C 133 -18.83 20.89 19.24
N HIS C 134 -18.00 21.34 20.19
CA HIS C 134 -17.87 22.76 20.47
C HIS C 134 -17.01 23.42 19.41
N ASN C 135 -17.54 24.47 18.79
CA ASN C 135 -16.96 25.09 17.61
C ASN C 135 -16.94 24.14 16.43
N GLY C 136 -17.78 23.11 16.46
CA GLY C 136 -17.80 22.14 15.37
C GLY C 136 -18.02 22.78 14.01
N ASP C 137 -18.92 23.77 13.93
CA ASP C 137 -19.29 24.30 12.63
C ASP C 137 -18.13 24.97 11.92
N ARG C 138 -17.16 25.50 12.66
CA ARG C 138 -16.05 26.23 12.09
C ARG C 138 -14.70 25.53 12.25
N TYR C 139 -14.66 24.39 12.94
CA TYR C 139 -13.40 23.67 13.06
C TYR C 139 -13.56 22.16 12.93
N ASP C 140 -14.13 21.50 13.95
CA ASP C 140 -14.11 20.05 13.99
C ASP C 140 -14.79 19.44 12.76
N PHE C 141 -15.98 19.93 12.41
CA PHE C 141 -16.72 19.29 11.32
C PHE C 141 -16.08 19.56 9.98
N PRO C 142 -15.75 20.80 9.60
CA PRO C 142 -15.05 21.01 8.32
C PRO C 142 -13.71 20.28 8.24
N LEU C 143 -12.97 20.20 9.35
CA LEU C 143 -11.69 19.50 9.33
C LEU C 143 -11.89 18.00 9.18
N LEU C 144 -12.87 17.43 9.89
CA LEU C 144 -13.16 16.02 9.73
C LEU C 144 -13.61 15.70 8.31
N GLN C 145 -14.37 16.60 7.70
CA GLN C 145 -14.76 16.43 6.30
C GLN C 145 -13.52 16.42 5.40
N THR C 146 -12.53 17.24 5.71
CA THR C 146 -11.32 17.29 4.88
C THR C 146 -10.52 15.99 5.01
N GLU C 147 -10.35 15.49 6.24
CA GLU C 147 -9.58 14.27 6.43
C GLU C 147 -10.27 13.08 5.76
N LEU C 148 -11.60 13.05 5.81
CA LEU C 148 -12.33 11.95 5.18
C LEU C 148 -12.35 12.08 3.67
N ALA C 149 -12.29 13.30 3.14
CA ALA C 149 -12.31 13.48 1.69
C ALA C 149 -11.06 12.92 1.04
N ARG C 150 -9.92 12.94 1.74
CA ARG C 150 -8.68 12.41 1.18
C ARG C 150 -8.68 10.90 1.05
N LEU C 151 -9.69 10.21 1.56
CA LEU C 151 -9.70 8.76 1.57
C LEU C 151 -10.46 8.20 0.37
N SER C 152 -10.06 6.99 -0.04
CA SER C 152 -10.84 6.27 -1.04
C SER C 152 -12.20 5.87 -0.48
N THR C 153 -12.23 5.49 0.80
CA THR C 153 -13.45 5.02 1.41
C THR C 153 -14.56 6.06 1.30
N PRO C 154 -15.78 5.68 0.92
CA PRO C 154 -16.91 6.60 1.07
C PRO C 154 -17.01 7.06 2.52
N SER C 155 -17.53 8.26 2.70
CA SER C 155 -17.53 8.83 4.04
C SER C 155 -18.41 8.00 4.98
N PRO C 156 -17.91 7.61 6.15
CA PRO C 156 -18.76 6.90 7.11
C PRO C 156 -19.74 7.78 7.86
N LEU C 157 -19.75 9.09 7.60
CA LEU C 157 -20.60 10.01 8.35
C LEU C 157 -21.75 10.58 7.53
N ASP C 158 -22.01 10.06 6.33
CA ASP C 158 -22.97 10.72 5.45
C ASP C 158 -24.38 10.69 6.03
N GLY C 159 -24.81 9.57 6.60
CA GLY C 159 -26.11 9.49 7.23
C GLY C 159 -26.22 10.14 8.59
N THR C 160 -25.14 10.73 9.09
CA THR C 160 -25.06 11.27 10.44
C THR C 160 -25.30 12.77 10.42
N PHE C 161 -25.93 13.27 11.49
CA PHE C 161 -26.22 14.69 11.65
C PHE C 161 -25.15 15.32 12.54
N CYS C 162 -25.14 16.66 12.59
CA CYS C 162 -24.22 17.36 13.47
C CYS C 162 -24.79 18.70 13.92
N VAL C 163 -24.29 19.17 15.06
CA VAL C 163 -24.65 20.47 15.63
C VAL C 163 -23.45 21.05 16.34
N ASP C 164 -23.38 22.38 16.40
CA ASP C 164 -22.35 23.08 17.16
C ASP C 164 -22.91 23.42 18.54
N SER C 165 -22.22 22.98 19.59
CA SER C 165 -22.69 23.23 20.94
C SER C 165 -22.66 24.72 21.30
N ILE C 166 -21.86 25.53 20.61
CA ILE C 166 -21.83 26.97 20.89
C ILE C 166 -23.20 27.57 20.62
N ALA C 167 -23.72 27.37 19.41
CA ALA C 167 -25.06 27.86 19.08
C ALA C 167 -26.09 27.31 20.05
N ALA C 168 -25.97 26.03 20.41
CA ALA C 168 -26.92 25.42 21.33
C ALA C 168 -26.92 26.12 22.68
N LEU C 169 -25.73 26.32 23.25
CA LEU C 169 -25.64 26.93 24.57
C LEU C 169 -26.02 28.41 24.54
N LYS C 170 -25.71 29.10 23.43
CA LYS C 170 -26.19 30.47 23.27
C LYS C 170 -27.71 30.50 23.34
N ALA C 171 -28.38 29.59 22.63
CA ALA C 171 -29.83 29.55 22.63
C ALA C 171 -30.38 29.12 23.98
N LEU C 172 -29.67 28.25 24.69
CA LEU C 172 -30.16 27.78 25.98
C LEU C 172 -30.01 28.85 27.06
N GLU C 173 -28.92 29.62 27.02
CA GLU C 173 -28.70 30.64 28.05
C GLU C 173 -29.63 31.84 27.84
N GLN C 174 -29.79 32.28 26.59
CA GLN C 174 -30.69 33.39 26.32
C GLN C 174 -32.16 33.00 26.38
N ALA C 175 -32.47 31.70 26.35
CA ALA C 175 -33.83 31.26 26.63
C ALA C 175 -34.17 31.42 28.10
N SER C 176 -33.17 31.44 28.98
CA SER C 176 -33.37 31.63 30.41
C SER C 176 -33.11 33.07 30.80
N LYS C 185 -19.66 38.44 26.99
CA LYS C 185 -19.81 37.07 27.47
C LYS C 185 -19.22 36.08 26.47
N SER C 186 -18.32 35.23 26.95
CA SER C 186 -17.61 34.29 26.11
C SER C 186 -18.36 32.97 26.03
N TYR C 187 -18.10 32.23 24.94
CA TYR C 187 -18.66 30.89 24.78
C TYR C 187 -17.60 29.86 24.45
N SER C 188 -16.35 30.13 24.80
CA SER C 188 -15.35 29.07 24.81
C SER C 188 -15.80 27.97 25.76
N LEU C 189 -15.30 26.76 25.52
CA LEU C 189 -15.66 25.63 26.37
C LEU C 189 -15.42 25.94 27.84
N GLY C 190 -14.23 26.41 28.17
CA GLY C 190 -13.89 26.65 29.57
C GLY C 190 -14.73 27.75 30.20
N SER C 191 -15.02 28.81 29.44
CA SER C 191 -15.85 29.88 29.97
C SER C 191 -17.23 29.37 30.36
N ILE C 192 -17.83 28.54 29.51
CA ILE C 192 -19.18 28.04 29.79
C ILE C 192 -19.16 27.14 31.02
N TYR C 193 -18.23 26.18 31.05
CA TYR C 193 -18.13 25.28 32.19
C TYR C 193 -17.92 26.05 33.48
N THR C 194 -17.04 27.05 33.47
CA THR C 194 -16.78 27.85 34.66
C THR C 194 -18.05 28.61 35.07
N ARG C 195 -18.72 29.23 34.11
CA ARG C 195 -19.92 30.01 34.42
C ARG C 195 -21.02 29.15 35.03
N LEU C 196 -21.11 27.88 34.63
CA LEU C 196 -22.19 27.03 35.09
C LEU C 196 -21.89 26.30 36.38
N TYR C 197 -20.62 25.96 36.62
CA TYR C 197 -20.24 25.14 37.77
C TYR C 197 -19.21 25.82 38.67
N TRP C 198 -18.74 27.01 38.33
CA TRP C 198 -17.80 27.77 39.14
C TRP C 198 -16.52 26.98 39.44
N GLN C 199 -16.11 26.12 38.51
CA GLN C 199 -14.84 25.44 38.60
C GLN C 199 -14.16 25.47 37.24
N ALA C 200 -12.86 25.23 37.23
CA ALA C 200 -12.17 25.08 35.96
C ALA C 200 -12.31 23.66 35.45
N PRO C 201 -12.40 23.47 34.14
CA PRO C 201 -12.38 22.10 33.59
C PRO C 201 -11.05 21.43 33.88
N THR C 202 -11.03 20.12 33.68
CA THR C 202 -9.81 19.33 33.80
C THR C 202 -9.42 18.76 32.44
N ASP C 203 -8.12 18.71 32.18
CA ASP C 203 -7.58 18.07 30.97
C ASP C 203 -8.01 18.82 29.71
N SER C 204 -7.74 20.12 29.70
CA SER C 204 -8.13 20.95 28.55
C SER C 204 -7.30 20.60 27.33
N HIS C 205 -7.96 20.60 26.17
CA HIS C 205 -7.33 20.34 24.87
C HIS C 205 -6.75 18.94 24.75
N THR C 206 -7.21 18.01 25.59
CA THR C 206 -7.11 16.59 25.30
C THR C 206 -8.46 16.12 24.78
N ALA C 207 -8.46 15.28 23.75
CA ALA C 207 -9.71 14.95 23.06
C ALA C 207 -10.74 14.40 24.02
N GLU C 208 -10.35 13.44 24.86
CA GLU C 208 -11.29 12.83 25.78
C GLU C 208 -11.71 13.81 26.86
N GLY C 209 -10.76 14.55 27.43
CA GLY C 209 -11.09 15.52 28.46
C GLY C 209 -12.05 16.59 27.96
N ASP C 210 -11.84 17.07 26.75
CA ASP C 210 -12.74 18.08 26.18
C ASP C 210 -14.12 17.50 25.91
N VAL C 211 -14.19 16.22 25.52
CA VAL C 211 -15.49 15.60 25.30
C VAL C 211 -16.23 15.45 26.62
N LEU C 212 -15.51 15.09 27.69
CA LEU C 212 -16.15 14.97 29.00
C LEU C 212 -16.62 16.33 29.52
N THR C 213 -15.86 17.39 29.25
CA THR C 213 -16.30 18.72 29.62
C THR C 213 -17.56 19.12 28.86
N LEU C 214 -17.62 18.80 27.56
CA LEU C 214 -18.78 19.14 26.76
C LEU C 214 -20.01 18.37 27.22
N LEU C 215 -19.86 17.07 27.47
CA LEU C 215 -20.97 16.30 28.02
C LEU C 215 -21.51 16.95 29.29
N SER C 216 -20.60 17.33 30.19
CA SER C 216 -21.02 17.95 31.45
C SER C 216 -21.86 19.19 31.18
N ILE C 217 -21.43 20.01 30.23
CA ILE C 217 -22.19 21.21 29.89
C ILE C 217 -23.54 20.83 29.32
N CYS C 218 -23.57 19.87 28.39
CA CYS C 218 -24.83 19.49 27.77
C CYS C 218 -25.78 18.81 28.74
N GLN C 219 -25.28 18.23 29.83
CA GLN C 219 -26.16 17.70 30.87
C GLN C 219 -26.76 18.79 31.74
N TRP C 220 -26.46 20.06 31.45
CA TRP C 220 -26.98 21.17 32.24
C TRP C 220 -28.49 21.25 32.15
N LYS C 221 -29.03 21.15 30.93
CA LYS C 221 -30.47 21.09 30.70
C LYS C 221 -30.71 20.10 29.56
N PRO C 222 -30.62 18.81 29.85
CA PRO C 222 -30.61 17.83 28.75
C PRO C 222 -31.85 17.87 27.87
N GLN C 223 -33.04 18.00 28.47
CA GLN C 223 -34.25 17.99 27.67
C GLN C 223 -34.29 19.19 26.73
N ALA C 224 -34.05 20.39 27.28
CA ALA C 224 -34.02 21.58 26.44
C ALA C 224 -33.00 21.44 25.31
N LEU C 225 -31.79 20.95 25.64
CA LEU C 225 -30.78 20.76 24.60
C LEU C 225 -31.26 19.77 23.55
N LEU C 226 -31.82 18.62 23.98
CA LEU C 226 -32.28 17.63 23.04
C LEU C 226 -33.33 18.20 22.08
N GLN C 227 -34.24 19.01 22.59
CA GLN C 227 -35.23 19.63 21.72
C GLN C 227 -34.57 20.60 20.76
N TRP C 228 -33.58 21.36 21.24
CA TRP C 228 -32.84 22.25 20.34
C TRP C 228 -32.12 21.46 19.27
N VAL C 229 -31.49 20.34 19.64
CA VAL C 229 -30.75 19.54 18.66
C VAL C 229 -31.70 19.01 17.60
N ASP C 230 -32.85 18.48 18.02
CA ASP C 230 -33.81 17.93 17.05
C ASP C 230 -34.21 18.96 16.01
N GLU C 231 -34.21 20.25 16.39
CA GLU C 231 -34.67 21.31 15.51
C GLU C 231 -33.59 21.86 14.60
N HIS C 232 -32.33 21.86 15.04
CA HIS C 232 -31.25 22.51 14.32
C HIS C 232 -30.17 21.54 13.83
N ALA C 233 -30.31 20.25 14.10
CA ALA C 233 -29.35 19.29 13.59
C ALA C 233 -29.33 19.35 12.06
N ARG C 234 -28.15 19.29 11.47
CA ARG C 234 -28.05 19.28 10.03
C ARG C 234 -27.19 18.12 9.56
N PRO C 235 -27.44 17.63 8.35
CA PRO C 235 -26.70 16.46 7.87
C PRO C 235 -25.22 16.78 7.69
N PHE C 236 -24.36 15.90 8.21
CA PHE C 236 -22.92 16.09 8.10
C PHE C 236 -22.47 16.15 6.65
N SER C 237 -23.22 15.50 5.75
CA SER C 237 -22.89 15.54 4.33
C SER C 237 -23.03 16.94 3.74
N THR C 238 -23.69 17.86 4.44
CA THR C 238 -23.80 19.23 3.97
C THR C 238 -22.65 20.11 4.46
N VAL C 239 -21.77 19.58 5.31
CA VAL C 239 -20.66 20.37 5.86
C VAL C 239 -19.57 20.48 4.81
N LYS C 240 -19.09 21.70 4.60
CA LYS C 240 -18.04 21.95 3.63
C LYS C 240 -16.68 21.67 4.25
N PRO C 241 -15.74 21.10 3.49
CA PRO C 241 -14.40 20.85 4.05
C PRO C 241 -13.70 22.15 4.41
N MET C 242 -12.77 22.04 5.36
CA MET C 242 -12.02 23.23 5.79
C MET C 242 -11.08 23.71 4.69
N TYR C 243 -10.46 22.79 3.98
CA TYR C 243 -9.57 23.13 2.87
C TYR C 243 -9.55 21.94 1.92
N GLY C 244 -8.98 22.16 0.74
CA GLY C 244 -8.96 21.13 -0.29
C GLY C 244 -7.57 20.59 -0.58
N HIS D 20 9.66 -8.92 22.24
CA HIS D 20 9.28 -7.71 22.96
C HIS D 20 7.89 -7.26 22.55
N MET D 21 6.95 -7.25 23.49
CA MET D 21 5.63 -6.71 23.20
C MET D 21 5.74 -5.21 22.98
N GLN D 22 5.18 -4.73 21.86
CA GLN D 22 5.21 -3.31 21.54
C GLN D 22 4.01 -2.55 22.09
N THR D 23 2.88 -3.23 22.32
CA THR D 23 1.69 -2.61 22.87
C THR D 23 1.13 -3.50 23.96
N LEU D 24 0.78 -2.91 25.09
CA LEU D 24 -0.05 -3.55 26.10
C LEU D 24 -1.46 -3.01 25.97
N ILE D 25 -2.42 -3.92 25.85
CA ILE D 25 -3.83 -3.54 25.76
C ILE D 25 -4.49 -4.02 27.05
N PHE D 26 -4.69 -3.09 27.98
CA PHE D 26 -5.40 -3.41 29.20
C PHE D 26 -6.87 -3.64 28.89
N LEU D 27 -7.42 -4.70 29.45
CA LEU D 27 -8.72 -5.22 29.07
C LEU D 27 -9.54 -5.51 30.31
N ASP D 28 -10.80 -5.14 30.30
CA ASP D 28 -11.74 -5.62 31.30
C ASP D 28 -13.06 -5.96 30.64
N LEU D 29 -13.64 -7.06 31.10
CA LEU D 29 -14.95 -7.53 30.69
C LEU D 29 -15.86 -7.53 31.91
N GLU D 30 -17.07 -7.02 31.75
CA GLU D 30 -18.15 -7.27 32.69
C GLU D 30 -19.21 -8.09 31.98
N ALA D 31 -19.98 -8.86 32.74
CA ALA D 31 -20.84 -9.86 32.13
C ALA D 31 -22.07 -10.10 33.01
N THR D 32 -22.88 -11.09 32.61
CA THR D 32 -24.14 -11.39 33.27
C THR D 32 -23.99 -12.23 34.52
N GLY D 33 -22.83 -12.83 34.76
CA GLY D 33 -22.66 -13.61 35.96
C GLY D 33 -21.39 -14.44 35.92
N LEU D 34 -21.31 -15.37 36.89
CA LEU D 34 -20.13 -16.18 37.10
C LEU D 34 -20.02 -17.28 36.05
N PRO D 35 -18.83 -17.89 35.92
CA PRO D 35 -18.66 -18.91 34.87
C PRO D 35 -19.65 -20.06 34.96
N SER D 36 -20.06 -20.43 36.18
CA SER D 36 -21.04 -21.49 36.34
C SER D 36 -22.29 -21.24 35.51
N SER D 37 -22.72 -19.98 35.40
CA SER D 37 -23.97 -19.63 34.77
C SER D 37 -23.86 -19.43 33.26
N ARG D 38 -22.74 -19.80 32.65
CA ARG D 38 -22.53 -19.61 31.22
C ARG D 38 -22.79 -18.14 30.84
N PRO D 39 -22.02 -17.21 31.40
CA PRO D 39 -22.36 -15.79 31.26
C PRO D 39 -22.04 -15.24 29.88
N GLU D 40 -22.62 -14.06 29.62
CA GLU D 40 -22.41 -13.34 28.37
C GLU D 40 -21.93 -11.93 28.68
N VAL D 41 -21.13 -11.38 27.77
CA VAL D 41 -20.51 -10.08 28.00
C VAL D 41 -21.55 -8.98 27.91
N THR D 42 -21.46 -8.01 28.84
CA THR D 42 -22.30 -6.83 28.83
C THR D 42 -21.52 -5.54 28.64
N GLU D 43 -20.21 -5.53 28.89
CA GLU D 43 -19.40 -4.33 28.74
C GLU D 43 -17.95 -4.77 28.53
N LEU D 44 -17.24 -3.98 27.72
CA LEU D 44 -15.89 -4.33 27.31
C LEU D 44 -15.10 -3.03 27.13
N CYS D 45 -13.90 -2.97 27.72
CA CYS D 45 -13.04 -1.82 27.57
C CYS D 45 -11.64 -2.28 27.22
N LEU D 46 -11.07 -1.65 26.18
CA LEU D 46 -9.68 -1.83 25.81
C LEU D 46 -8.96 -0.50 25.96
N LEU D 47 -7.79 -0.53 26.59
CA LEU D 47 -6.92 0.63 26.73
C LEU D 47 -5.55 0.24 26.21
N ALA D 48 -5.19 0.75 25.02
CA ALA D 48 -3.96 0.37 24.34
C ALA D 48 -2.86 1.37 24.67
N VAL D 49 -1.76 0.88 25.23
CA VAL D 49 -0.64 1.69 25.67
C VAL D 49 0.62 1.14 25.02
N HIS D 50 1.36 1.99 24.31
CA HIS D 50 2.65 1.59 23.78
C HIS D 50 3.66 1.40 24.90
N ARG D 51 4.60 0.47 24.70
CA ARG D 51 5.53 0.16 25.78
C ARG D 51 6.34 1.39 26.18
N ARG D 52 6.61 2.30 25.26
CA ARG D 52 7.40 3.48 25.60
C ARG D 52 6.61 4.44 26.49
N ALA D 53 5.29 4.51 26.30
CA ALA D 53 4.47 5.37 27.15
C ALA D 53 4.40 4.83 28.57
N LEU D 54 4.52 3.51 28.75
CA LEU D 54 4.45 2.92 30.07
C LEU D 54 5.77 3.09 30.83
N GLU D 55 6.88 2.75 30.19
CA GLU D 55 8.18 2.82 30.86
C GLU D 55 8.73 4.23 30.98
N ASN D 56 8.03 5.22 30.41
CA ASN D 56 8.35 6.63 30.64
C ASN D 56 7.33 7.28 31.56
N THR D 57 6.64 6.47 32.38
CA THR D 57 5.87 7.00 33.49
C THR D 57 6.81 7.34 34.64
N SER D 58 6.52 8.45 35.33
CA SER D 58 7.40 8.91 36.39
C SER D 58 7.62 7.82 37.43
N ILE D 59 8.89 7.59 37.78
CA ILE D 59 9.24 6.53 38.72
C ILE D 59 8.47 6.72 40.01
N SER D 60 7.84 5.65 40.49
CA SER D 60 7.03 5.71 41.70
C SER D 60 7.94 5.92 42.90
N GLN D 61 7.82 7.07 43.56
CA GLN D 61 8.58 7.40 44.74
C GLN D 61 7.63 7.92 45.81
N GLY D 62 8.10 7.88 47.05
CA GLY D 62 7.28 8.26 48.18
C GLY D 62 6.45 7.11 48.71
N HIS D 63 5.99 7.27 49.95
CA HIS D 63 5.26 6.21 50.65
C HIS D 63 4.07 6.83 51.39
N PRO D 64 2.85 6.71 50.85
CA PRO D 64 2.54 6.06 49.57
C PRO D 64 2.80 6.96 48.38
N PRO D 65 3.13 6.38 47.23
CA PRO D 65 3.23 7.18 46.02
C PRO D 65 1.85 7.62 45.57
N PRO D 66 1.75 8.74 44.86
CA PRO D 66 0.47 9.13 44.27
C PRO D 66 0.10 8.15 43.16
N VAL D 67 -1.20 8.05 42.90
CA VAL D 67 -1.68 7.26 41.77
C VAL D 67 -1.14 7.90 40.50
N PRO D 68 -0.34 7.19 39.70
CA PRO D 68 0.24 7.82 38.51
C PRO D 68 -0.83 8.33 37.55
N ARG D 69 -0.47 9.34 36.78
CA ARG D 69 -1.33 9.76 35.67
C ARG D 69 -1.26 8.73 34.56
N PRO D 70 -2.37 8.49 33.85
CA PRO D 70 -2.29 7.71 32.62
C PRO D 70 -1.34 8.36 31.65
N PRO D 71 -0.66 7.56 30.81
CA PRO D 71 0.17 8.16 29.76
C PRO D 71 -0.67 9.08 28.88
N ARG D 72 -0.03 10.10 28.31
CA ARG D 72 -0.75 11.02 27.44
C ARG D 72 -1.30 10.30 26.22
N VAL D 73 -0.49 9.47 25.59
CA VAL D 73 -0.86 8.83 24.32
C VAL D 73 -1.45 7.47 24.64
N VAL D 74 -2.76 7.33 24.44
CA VAL D 74 -3.45 6.06 24.59
C VAL D 74 -4.55 5.97 23.55
N ASP D 75 -4.91 4.74 23.21
CA ASP D 75 -6.13 4.46 22.44
C ASP D 75 -7.11 3.78 23.37
N LYS D 76 -8.36 4.24 23.35
CA LYS D 76 -9.38 3.71 24.24
C LYS D 76 -10.61 3.31 23.46
N LEU D 77 -11.18 2.17 23.83
CA LEU D 77 -12.45 1.70 23.31
C LEU D 77 -13.22 1.09 24.47
N SER D 78 -14.41 1.63 24.76
CA SER D 78 -15.29 1.04 25.75
C SER D 78 -16.69 0.94 25.15
N LEU D 79 -17.31 -0.22 25.32
CA LEU D 79 -18.58 -0.52 24.67
C LEU D 79 -19.49 -1.26 25.63
N CYS D 80 -20.76 -0.86 25.66
CA CYS D 80 -21.79 -1.65 26.32
C CYS D 80 -22.44 -2.56 25.29
N ILE D 81 -22.72 -3.80 25.70
CA ILE D 81 -23.15 -4.85 24.80
C ILE D 81 -24.41 -5.49 25.36
N ALA D 82 -25.41 -5.67 24.52
CA ALA D 82 -26.63 -6.32 24.95
C ALA D 82 -26.39 -7.82 25.06
N PRO D 83 -26.66 -8.43 26.21
CA PRO D 83 -26.49 -9.88 26.34
C PRO D 83 -27.74 -10.64 25.93
N GLY D 84 -27.55 -11.91 25.63
CA GLY D 84 -28.66 -12.79 25.29
C GLY D 84 -29.43 -13.32 26.48
N LYS D 85 -28.95 -13.07 27.69
CA LYS D 85 -29.62 -13.50 28.90
C LYS D 85 -29.52 -12.39 29.94
N ALA D 86 -30.47 -12.40 30.88
CA ALA D 86 -30.47 -11.42 31.94
C ALA D 86 -29.27 -11.61 32.86
N CYS D 87 -28.90 -10.53 33.55
CA CYS D 87 -27.83 -10.59 34.54
C CYS D 87 -28.34 -11.19 35.83
N SER D 88 -27.44 -11.87 36.55
CA SER D 88 -27.76 -12.31 37.90
C SER D 88 -28.07 -11.07 38.76
N PRO D 89 -28.83 -11.25 39.82
CA PRO D 89 -29.07 -10.14 40.76
C PRO D 89 -27.78 -9.49 41.18
N GLY D 90 -26.83 -10.26 41.68
CA GLY D 90 -25.57 -9.67 42.11
C GLY D 90 -24.82 -8.98 40.99
N ALA D 91 -24.83 -9.58 39.80
CA ALA D 91 -24.05 -9.04 38.69
C ALA D 91 -24.55 -7.65 38.30
N SER D 92 -25.87 -7.50 38.14
CA SER D 92 -26.43 -6.19 37.82
C SER D 92 -26.14 -5.18 38.92
N GLU D 93 -26.10 -5.64 40.18
CA GLU D 93 -25.87 -4.72 41.28
C GLU D 93 -24.45 -4.16 41.25
N ILE D 94 -23.44 -5.03 41.13
CA ILE D 94 -22.07 -4.54 41.16
C ILE D 94 -21.72 -3.80 39.86
N THR D 95 -22.23 -4.29 38.72
CA THR D 95 -21.90 -3.64 37.45
C THR D 95 -22.76 -2.42 37.15
N GLY D 96 -23.94 -2.33 37.74
CA GLY D 96 -24.83 -1.23 37.39
C GLY D 96 -25.46 -1.35 36.03
N LEU D 97 -25.40 -2.54 35.42
CA LEU D 97 -26.01 -2.79 34.13
C LEU D 97 -27.09 -3.85 34.27
N SER D 98 -28.00 -3.86 33.30
CA SER D 98 -29.03 -4.89 33.21
C SER D 98 -29.40 -5.05 31.75
N LYS D 99 -29.84 -6.26 31.40
CA LYS D 99 -30.20 -6.53 30.02
C LYS D 99 -31.32 -5.63 29.54
N ALA D 100 -32.29 -5.35 30.42
CA ALA D 100 -33.41 -4.48 30.06
C ALA D 100 -32.92 -3.09 29.70
N GLU D 101 -32.06 -2.50 30.54
CA GLU D 101 -31.62 -1.13 30.31
C GLU D 101 -30.71 -1.04 29.09
N LEU D 102 -29.84 -2.04 28.89
CA LEU D 102 -29.00 -2.04 27.70
C LEU D 102 -29.85 -2.12 26.44
N GLU D 103 -30.92 -2.90 26.46
CA GLU D 103 -31.75 -3.05 25.27
C GLU D 103 -32.51 -1.77 24.97
N VAL D 104 -33.15 -1.17 25.97
CA VAL D 104 -33.95 0.02 25.73
C VAL D 104 -33.08 1.17 25.26
N GLN D 105 -31.80 1.18 25.61
CA GLN D 105 -30.84 2.14 25.04
C GLN D 105 -30.23 1.65 23.74
N GLY D 106 -30.79 0.60 23.15
CA GLY D 106 -30.44 0.21 21.80
C GLY D 106 -29.11 -0.49 21.62
N ARG D 107 -28.50 -1.00 22.70
CA ARG D 107 -27.21 -1.66 22.57
C ARG D 107 -27.34 -2.91 21.70
N GLN D 108 -26.35 -3.13 20.84
CA GLN D 108 -26.33 -4.30 19.99
C GLN D 108 -25.63 -5.46 20.70
N ARG D 109 -25.83 -6.66 20.16
CA ARG D 109 -25.24 -7.85 20.73
C ARG D 109 -23.79 -8.00 20.26
N PHE D 110 -23.10 -8.98 20.83
CA PHE D 110 -21.76 -9.35 20.40
C PHE D 110 -21.82 -9.96 19.01
N ASP D 111 -21.62 -9.16 17.95
CA ASP D 111 -21.87 -9.61 16.59
C ASP D 111 -20.64 -9.34 15.72
N ASP D 112 -20.77 -9.69 14.44
CA ASP D 112 -19.66 -9.56 13.50
C ASP D 112 -19.15 -8.13 13.42
N ASN D 113 -20.06 -7.15 13.47
CA ASN D 113 -19.64 -5.75 13.37
C ASN D 113 -18.76 -5.38 14.56
N LEU D 114 -19.04 -5.91 15.74
CA LEU D 114 -18.16 -5.70 16.88
C LEU D 114 -16.79 -6.31 16.61
N ALA D 115 -16.76 -7.51 16.02
CA ALA D 115 -15.49 -8.13 15.65
C ALA D 115 -14.72 -7.26 14.66
N ILE D 116 -15.42 -6.61 13.74
CA ILE D 116 -14.77 -5.69 12.81
C ILE D 116 -14.17 -4.53 13.59
N LEU D 117 -14.97 -3.92 14.47
CA LEU D 117 -14.48 -2.81 15.28
C LEU D 117 -13.22 -3.20 16.03
N LEU D 118 -13.24 -4.37 16.69
CA LEU D 118 -12.07 -4.82 17.44
C LEU D 118 -10.88 -5.04 16.51
N ARG D 119 -11.11 -5.65 15.35
CA ARG D 119 -10.02 -5.90 14.42
C ARG D 119 -9.36 -4.60 13.98
N ALA D 120 -10.17 -3.61 13.57
CA ALA D 120 -9.60 -2.34 13.12
C ALA D 120 -8.91 -1.61 14.26
N PHE D 121 -9.43 -1.72 15.48
CA PHE D 121 -8.79 -1.10 16.63
C PHE D 121 -7.42 -1.71 16.88
N LEU D 122 -7.36 -3.05 16.90
CA LEU D 122 -6.09 -3.73 17.12
C LEU D 122 -5.10 -3.40 16.01
N GLN D 123 -5.59 -3.27 14.78
CA GLN D 123 -4.69 -3.01 13.66
C GLN D 123 -3.99 -1.67 13.77
N ARG D 124 -4.54 -0.73 14.54
CA ARG D 124 -3.86 0.54 14.73
C ARG D 124 -2.72 0.46 15.73
N GLN D 125 -2.58 -0.67 16.43
CA GLN D 125 -1.54 -0.75 17.44
C GLN D 125 -0.29 -1.43 16.90
N PRO D 126 0.89 -0.95 17.29
CA PRO D 126 2.12 -1.65 16.88
C PRO D 126 2.13 -3.08 17.40
N GLN D 127 2.60 -3.96 16.58
CA GLN D 127 2.72 -5.37 16.89
C GLN D 127 4.14 -5.70 17.34
N PRO D 128 4.32 -6.75 18.16
CA PRO D 128 3.24 -7.60 18.70
C PRO D 128 2.52 -6.93 19.87
N CYS D 129 1.27 -7.32 20.07
CA CYS D 129 0.37 -6.70 21.03
C CYS D 129 -0.09 -7.74 22.04
N CYS D 130 -0.14 -7.35 23.31
CA CYS D 130 -0.48 -8.28 24.39
C CYS D 130 -1.64 -7.74 25.21
N LEU D 131 -2.69 -8.54 25.33
CA LEU D 131 -3.78 -8.22 26.25
C LEU D 131 -3.35 -8.46 27.69
N VAL D 132 -3.79 -7.57 28.57
CA VAL D 132 -3.53 -7.68 30.00
C VAL D 132 -4.87 -7.55 30.72
N ALA D 133 -5.27 -8.57 31.46
CA ALA D 133 -6.53 -8.55 32.18
C ALA D 133 -6.37 -9.23 33.54
N HIS D 134 -6.92 -8.59 34.57
CA HIS D 134 -6.83 -9.11 35.93
C HIS D 134 -7.80 -10.28 36.09
N ASN D 135 -7.27 -11.43 36.52
CA ASN D 135 -7.99 -12.70 36.51
C ASN D 135 -8.35 -13.11 35.08
N GLY D 136 -7.58 -12.65 34.10
CA GLY D 136 -7.94 -12.87 32.71
C GLY D 136 -7.84 -14.32 32.29
N ASP D 137 -6.91 -15.07 32.89
CA ASP D 137 -6.74 -16.47 32.50
C ASP D 137 -7.93 -17.32 32.93
N ARG D 138 -8.59 -16.96 34.03
CA ARG D 138 -9.70 -17.74 34.55
C ARG D 138 -11.06 -17.15 34.23
N TYR D 139 -11.13 -15.98 33.58
CA TYR D 139 -12.42 -15.39 33.27
C TYR D 139 -12.45 -14.59 31.98
N ASP D 140 -11.74 -13.47 31.92
CA ASP D 140 -11.87 -12.56 30.78
C ASP D 140 -11.48 -13.25 29.47
N PHE D 141 -10.29 -13.85 29.43
CA PHE D 141 -9.84 -14.45 28.18
C PHE D 141 -10.71 -15.61 27.76
N PRO D 142 -11.01 -16.61 28.62
CA PRO D 142 -11.91 -17.69 28.17
C PRO D 142 -13.28 -17.21 27.76
N LEU D 143 -13.82 -16.19 28.41
CA LEU D 143 -15.15 -15.70 28.03
C LEU D 143 -15.11 -14.99 26.68
N LEU D 144 -14.11 -14.15 26.47
CA LEU D 144 -13.94 -13.51 25.17
C LEU D 144 -13.80 -14.54 24.06
N GLN D 145 -13.02 -15.60 24.30
CA GLN D 145 -12.88 -16.65 23.30
C GLN D 145 -14.22 -17.30 23.00
N THR D 146 -15.06 -17.47 24.04
CA THR D 146 -16.38 -18.06 23.83
C THR D 146 -17.27 -17.13 23.00
N GLU D 147 -17.24 -15.83 23.29
CA GLU D 147 -18.05 -14.90 22.52
C GLU D 147 -17.59 -14.84 21.07
N LEU D 148 -16.27 -14.76 20.86
CA LEU D 148 -15.74 -14.72 19.50
C LEU D 148 -16.00 -16.02 18.75
N ALA D 149 -16.08 -17.14 19.48
CA ALA D 149 -16.29 -18.43 18.82
C ALA D 149 -17.69 -18.56 18.23
N ARG D 150 -18.65 -17.79 18.74
CA ARG D 150 -20.00 -17.81 18.18
C ARG D 150 -20.11 -17.12 16.82
N LEU D 151 -19.03 -16.50 16.34
CA LEU D 151 -19.11 -15.67 15.15
C LEU D 151 -18.50 -16.36 13.95
N SER D 152 -19.09 -16.10 12.77
CA SER D 152 -18.47 -16.50 11.52
C SER D 152 -17.07 -15.91 11.40
N THR D 153 -16.90 -14.68 11.84
CA THR D 153 -15.65 -13.97 11.62
C THR D 153 -14.49 -14.72 12.26
N PRO D 154 -13.39 -14.96 11.53
CA PRO D 154 -12.17 -15.44 12.19
C PRO D 154 -11.79 -14.50 13.32
N SER D 155 -11.36 -15.08 14.43
CA SER D 155 -11.06 -14.30 15.61
C SER D 155 -10.11 -13.15 15.26
N PRO D 156 -10.46 -11.90 15.60
CA PRO D 156 -9.49 -10.79 15.39
C PRO D 156 -8.32 -10.84 16.34
N LEU D 157 -8.31 -11.77 17.30
CA LEU D 157 -7.27 -11.88 18.30
C LEU D 157 -6.27 -12.99 18.00
N ASP D 158 -6.33 -13.58 16.80
CA ASP D 158 -5.50 -14.75 16.51
C ASP D 158 -4.01 -14.43 16.65
N GLY D 159 -3.58 -13.28 16.15
CA GLY D 159 -2.20 -12.87 16.25
C GLY D 159 -1.83 -12.14 17.52
N THR D 160 -2.74 -12.07 18.50
CA THR D 160 -2.54 -11.29 19.70
C THR D 160 -2.18 -12.19 20.87
N PHE D 161 -1.41 -11.64 21.81
CA PHE D 161 -1.00 -12.35 23.01
C PHE D 161 -1.80 -11.86 24.22
N CYS D 162 -1.63 -12.57 25.33
CA CYS D 162 -2.36 -12.23 26.55
C CYS D 162 -1.60 -12.72 27.77
N VAL D 163 -1.76 -11.96 28.86
CA VAL D 163 -1.24 -12.34 30.17
C VAL D 163 -2.27 -11.97 31.23
N ASP D 164 -2.17 -12.63 32.38
CA ASP D 164 -3.01 -12.37 33.54
C ASP D 164 -2.21 -11.53 34.53
N SER D 165 -2.73 -10.35 34.87
CA SER D 165 -1.96 -9.44 35.71
C SER D 165 -1.84 -9.95 37.15
N ILE D 166 -2.69 -10.87 37.59
CA ILE D 166 -2.51 -11.48 38.90
C ILE D 166 -1.16 -12.18 38.96
N ALA D 167 -0.91 -13.08 38.01
CA ALA D 167 0.40 -13.73 37.94
C ALA D 167 1.50 -12.69 37.85
N ALA D 168 1.30 -11.66 37.01
CA ALA D 168 2.30 -10.62 36.86
C ALA D 168 2.63 -9.96 38.21
N LEU D 169 1.60 -9.52 38.93
CA LEU D 169 1.84 -8.80 40.19
C LEU D 169 2.41 -9.72 41.25
N LYS D 170 1.94 -10.97 41.31
CA LYS D 170 2.57 -11.94 42.20
C LYS D 170 4.05 -12.09 41.89
N ALA D 171 4.37 -12.37 40.61
CA ALA D 171 5.76 -12.55 40.23
C ALA D 171 6.60 -11.31 40.54
N LEU D 172 6.02 -10.12 40.37
CA LEU D 172 6.76 -8.90 40.65
C LEU D 172 7.04 -8.76 42.14
N GLU D 173 6.05 -9.04 42.99
CA GLU D 173 6.24 -8.89 44.43
C GLU D 173 7.08 -10.00 45.03
N GLN D 174 7.14 -11.17 44.38
CA GLN D 174 8.02 -12.24 44.87
C GLN D 174 9.49 -11.90 44.61
N ALA D 175 9.79 -11.36 43.42
CA ALA D 175 11.16 -10.92 43.15
C ALA D 175 11.52 -9.70 44.00
N SER D 176 10.54 -8.82 44.25
CA SER D 176 10.83 -7.61 45.03
C SER D 176 11.07 -7.93 46.49
N SER D 177 10.31 -8.88 47.05
CA SER D 177 10.41 -9.25 48.46
C SER D 177 10.64 -10.76 48.56
N PRO D 178 11.91 -11.21 48.48
CA PRO D 178 12.26 -12.62 48.62
C PRO D 178 11.59 -13.29 49.82
N LYS D 185 -2.24 -13.20 51.70
CA LYS D 185 -2.26 -11.89 51.06
C LYS D 185 -3.13 -11.89 49.80
N SER D 186 -4.13 -11.03 49.79
CA SER D 186 -5.07 -10.98 48.67
C SER D 186 -4.42 -10.33 47.46
N TYR D 187 -4.75 -10.83 46.28
CA TYR D 187 -4.31 -10.26 45.01
C TYR D 187 -5.50 -9.85 44.15
N SER D 188 -6.63 -9.57 44.79
CA SER D 188 -7.73 -8.91 44.09
C SER D 188 -7.30 -7.52 43.63
N LEU D 189 -8.01 -7.02 42.62
CA LEU D 189 -7.66 -5.71 42.05
C LEU D 189 -7.63 -4.64 43.13
N GLY D 190 -8.69 -4.57 43.95
CA GLY D 190 -8.77 -3.51 44.94
C GLY D 190 -7.76 -3.68 46.06
N SER D 191 -7.50 -4.91 46.47
CA SER D 191 -6.52 -5.15 47.52
C SER D 191 -5.13 -4.70 47.09
N ILE D 192 -4.74 -5.01 45.85
CA ILE D 192 -3.44 -4.56 45.35
C ILE D 192 -3.40 -3.04 45.29
N TYR D 193 -4.46 -2.44 44.74
CA TYR D 193 -4.49 -0.99 44.54
C TYR D 193 -4.43 -0.25 45.87
N THR D 194 -5.13 -0.77 46.88
CA THR D 194 -5.09 -0.13 48.19
C THR D 194 -3.73 -0.32 48.87
N ARG D 195 -3.11 -1.48 48.67
CA ARG D 195 -1.79 -1.71 49.25
C ARG D 195 -0.75 -0.77 48.66
N LEU D 196 -0.82 -0.53 47.35
CA LEU D 196 0.16 0.32 46.69
C LEU D 196 -0.08 1.79 46.98
N TYR D 197 -1.35 2.20 47.03
CA TYR D 197 -1.69 3.62 47.00
C TYR D 197 -2.51 4.10 48.19
N TRP D 198 -2.90 3.21 49.10
CA TRP D 198 -3.57 3.59 50.35
C TRP D 198 -4.89 4.31 50.11
N GLN D 199 -5.50 4.13 48.95
CA GLN D 199 -6.84 4.63 48.68
C GLN D 199 -7.65 3.52 48.02
N ALA D 200 -8.96 3.60 48.16
CA ALA D 200 -9.84 2.68 47.46
C ALA D 200 -9.88 3.03 45.97
N PRO D 201 -10.01 2.03 45.11
CA PRO D 201 -10.24 2.34 43.68
C PRO D 201 -11.58 3.03 43.49
N THR D 202 -11.72 3.65 42.32
CA THR D 202 -12.98 4.25 41.92
C THR D 202 -13.64 3.42 40.82
N ASP D 203 -14.97 3.39 40.85
CA ASP D 203 -15.78 2.82 39.76
C ASP D 203 -15.50 1.33 39.58
N SER D 204 -15.63 0.58 40.66
CA SER D 204 -15.39 -0.85 40.63
C SER D 204 -16.43 -1.57 39.78
N HIS D 205 -15.99 -2.61 39.08
CA HIS D 205 -16.83 -3.47 38.25
C HIS D 205 -17.55 -2.71 37.14
N THR D 206 -17.03 -1.54 36.76
CA THR D 206 -17.29 -0.94 35.47
C THR D 206 -16.08 -1.22 34.56
N ALA D 207 -16.34 -1.44 33.27
CA ALA D 207 -15.26 -1.86 32.38
C ALA D 207 -14.15 -0.83 32.34
N GLU D 208 -14.49 0.44 32.10
CA GLU D 208 -13.46 1.45 32.01
C GLU D 208 -12.83 1.75 33.36
N GLY D 209 -13.64 1.75 34.43
CA GLY D 209 -13.08 1.97 35.75
C GLY D 209 -12.05 0.92 36.13
N ASP D 210 -12.36 -0.35 35.87
CA ASP D 210 -11.43 -1.41 36.23
C ASP D 210 -10.18 -1.40 35.37
N VAL D 211 -10.29 -0.99 34.10
CA VAL D 211 -9.11 -0.90 33.25
C VAL D 211 -8.20 0.22 33.73
N LEU D 212 -8.78 1.34 34.17
CA LEU D 212 -7.98 2.44 34.69
C LEU D 212 -7.31 2.06 36.01
N THR D 213 -8.02 1.31 36.86
CA THR D 213 -7.41 0.80 38.08
C THR D 213 -6.26 -0.14 37.76
N LEU D 214 -6.48 -1.07 36.81
CA LEU D 214 -5.43 -2.00 36.44
C LEU D 214 -4.21 -1.27 35.88
N LEU D 215 -4.43 -0.28 35.03
CA LEU D 215 -3.31 0.48 34.48
C LEU D 215 -2.51 1.14 35.60
N SER D 216 -3.20 1.66 36.62
CA SER D 216 -2.50 2.34 37.71
C SER D 216 -1.57 1.40 38.45
N ILE D 217 -2.03 0.18 38.74
CA ILE D 217 -1.17 -0.75 39.47
C ILE D 217 -0.05 -1.26 38.57
N CYS D 218 -0.31 -1.38 37.27
CA CYS D 218 0.73 -1.79 36.34
C CYS D 218 1.75 -0.68 36.09
N GLN D 219 1.41 0.57 36.37
CA GLN D 219 2.39 1.65 36.30
C GLN D 219 3.26 1.72 37.55
N TRP D 220 3.03 0.83 38.52
CA TRP D 220 3.84 0.80 39.74
C TRP D 220 5.30 0.57 39.40
N LYS D 221 5.57 -0.53 38.69
CA LYS D 221 6.91 -0.90 38.26
C LYS D 221 6.75 -1.24 36.78
N PRO D 222 6.85 -0.26 35.88
CA PRO D 222 6.58 -0.55 34.46
C PRO D 222 7.65 -1.41 33.80
N GLN D 223 8.93 -1.07 33.99
CA GLN D 223 10.00 -1.83 33.38
C GLN D 223 9.94 -3.31 33.77
N ALA D 224 9.84 -3.60 35.08
CA ALA D 224 9.77 -5.00 35.50
C ALA D 224 8.50 -5.68 34.96
N LEU D 225 7.39 -4.93 34.90
CA LEU D 225 6.18 -5.50 34.31
C LEU D 225 6.41 -5.90 32.86
N LEU D 226 6.98 -4.98 32.07
CA LEU D 226 7.23 -5.27 30.67
C LEU D 226 8.15 -6.47 30.52
N GLN D 227 9.17 -6.57 31.39
CA GLN D 227 10.06 -7.73 31.36
C GLN D 227 9.28 -9.02 31.61
N TRP D 228 8.40 -9.01 32.62
CA TRP D 228 7.62 -10.20 32.91
C TRP D 228 6.65 -10.52 31.77
N VAL D 229 6.05 -9.50 31.16
CA VAL D 229 5.09 -9.74 30.08
C VAL D 229 5.79 -10.38 28.90
N ASP D 230 6.95 -9.84 28.51
CA ASP D 230 7.68 -10.41 27.38
C ASP D 230 8.01 -11.88 27.62
N GLU D 231 8.29 -12.24 28.88
CA GLU D 231 8.64 -13.62 29.20
C GLU D 231 7.43 -14.55 29.18
N HIS D 232 6.24 -14.03 29.52
CA HIS D 232 5.09 -14.89 29.75
C HIS D 232 3.93 -14.67 28.79
N ALA D 233 4.02 -13.71 27.88
CA ALA D 233 2.93 -13.50 26.92
C ALA D 233 2.70 -14.76 26.10
N ARG D 234 1.46 -15.25 26.09
CA ARG D 234 1.13 -16.42 25.30
C ARG D 234 0.04 -16.09 24.28
N PRO D 235 -0.02 -16.83 23.17
CA PRO D 235 -1.01 -16.53 22.14
C PRO D 235 -2.43 -16.69 22.67
N PHE D 236 -3.28 -15.71 22.35
CA PHE D 236 -4.69 -15.83 22.70
C PHE D 236 -5.33 -17.03 22.03
N SER D 237 -4.75 -17.52 20.93
CA SER D 237 -5.27 -18.69 20.25
C SER D 237 -5.23 -19.94 21.12
N THR D 238 -4.36 -19.99 22.12
CA THR D 238 -4.26 -21.14 23.01
C THR D 238 -5.21 -21.07 24.20
N VAL D 239 -6.02 -20.02 24.29
CA VAL D 239 -6.94 -19.87 25.42
C VAL D 239 -8.17 -20.72 25.19
N LYS D 240 -8.49 -21.55 26.18
CA LYS D 240 -9.65 -22.43 26.05
C LYS D 240 -10.94 -21.65 26.34
N PRO D 241 -11.99 -21.85 25.54
CA PRO D 241 -13.27 -21.20 25.83
C PRO D 241 -13.79 -21.61 27.21
N MET D 242 -14.44 -20.67 27.87
CA MET D 242 -15.03 -20.99 29.17
C MET D 242 -16.09 -22.06 29.04
N TYR D 243 -16.88 -22.01 27.97
CA TYR D 243 -17.96 -22.95 27.75
C TYR D 243 -18.31 -22.96 26.27
N GLY D 244 -19.20 -23.88 25.90
CA GLY D 244 -19.69 -23.96 24.54
C GLY D 244 -18.71 -24.64 23.60
#